data_9CXJ
#
_entry.id   9CXJ
#
_cell.length_a   1.00
_cell.length_b   1.00
_cell.length_c   1.00
_cell.angle_alpha   90.00
_cell.angle_beta   90.00
_cell.angle_gamma   90.00
#
_symmetry.space_group_name_H-M   'P 1'
#
loop_
_entity.id
_entity.type
_entity.pdbx_description
1 polymer "Cone cGMP-specific 3',5'-cyclic phosphodiesterase subunit alpha'"
2 polymer "Retinal rod rhodopsin-sensitive cGMP 3',5'-cyclic phosphodiesterase subunit gamma"
3 non-polymer 'ZINC ION'
4 non-polymer 'MAGNESIUM ION'
#
loop_
_entity_poly.entity_id
_entity_poly.type
_entity_poly.pdbx_seq_one_letter_code
_entity_poly.pdbx_strand_id
1 'polypeptide(L)'
;GPTSGDYKDDDDKGGEINQVAVEKYLEENPQFAKEYFDRKLRVEVLGEIFKNSQVPVQSSMSFSELTQVEESALCLELLW
TVQEEGGTPEQGVHRALQRLAHLLQADRCSMFLCRSRNGIPEVASRLLDVTPTSKFEDNLVGPDKEVVFPLDIGIVGWAA
HTKKTHNVPDVKKNSHFSDFMDKQTGYVTKNLLATPIVVGKEVLAVIMAVNKVNASEFSKQDEEVFSKYLNFVSIILRLH
HTSYMYNIESRRSQILMWSANKVFEELTDVERQFHKALYTVRSYLNCERYSIGLLDMTKEKEFYDEWPIKLGEVEPYKGP
KTPDGREVNFYKIIDYILHGKEEIKVIPTPPADHWTLISGLPTYVAENGFICNMMNAPADEYFTFQKGPVDETGWVIKNV
LSLPIVNKKEDIVGVATFYNRKDGKPFDEHDEYITETLTQFLGWSLLNTDTYDKMNKLENRKDIAQEMLMNQTKATPEEI
KSILKFQEKLNVDVIDDCEEKQLVAILKEDLPDPRSAELYEFRFSDFPLTEHGLIKCGIRLFFEINVVEKFKVPVEVLTR
WMYTVRKGYRAVTYHNWRHGFNVGQTMFTLLMTGRLKKYYTDLEAFAMLAAAFCHDIDHRGTNNLYQMKSTSPLARLHGS
SILERHHLEYSKTLLQDESLNIFQNLNKRQFETVIHLFEVAIIATDLALYFKKRTMFQKIVDACEQMQTEEEAIKYVTVD
PTKKEIIMAMMMTACDLSAITKPWEVQSQVALMVANEFWEQGDLERTVLQQQPIPMMDRNKRDELPKLQVGFIDFVCTFV
YKEFSRFHKEITPMLSGLQNNRVEWKSLADEYDAKMKVIEEEA
;
A,B
2 'polypeptide(L)'
;MVGYPYDVPDYAMNLEPPKAEIRSATRVMGGPVTPRKGPPKFKQRQTRQFKSKPPKKGVQGFGDDIPGMEGLGTDITVIC
PWEAFNHLELHELAQYGII
;
C,D
#
loop_
_chem_comp.id
_chem_comp.type
_chem_comp.name
_chem_comp.formula
MG non-polymer 'MAGNESIUM ION' 'Mg 2'
ZN non-polymer 'ZINC ION' 'Zn 2'
#
# COMPACT_ATOMS: atom_id res chain seq x y z
N TYR A 244 -17.81 38.09 -31.30
CA TYR A 244 -18.67 37.06 -30.72
C TYR A 244 -17.98 35.70 -30.77
N MET A 245 -17.73 35.23 -32.00
CA MET A 245 -16.94 34.03 -32.22
C MET A 245 -15.61 34.08 -31.47
N TYR A 246 -14.90 35.21 -31.57
CA TYR A 246 -13.70 35.41 -30.77
C TYR A 246 -14.02 35.43 -29.29
N ASN A 247 -15.12 36.09 -28.90
CA ASN A 247 -15.49 36.15 -27.50
C ASN A 247 -15.86 34.78 -26.95
N ILE A 248 -16.65 33.99 -27.69
CA ILE A 248 -16.99 32.66 -27.22
C ILE A 248 -15.78 31.72 -27.21
N GLU A 249 -14.85 31.88 -28.15
CA GLU A 249 -13.64 31.05 -28.11
C GLU A 249 -12.73 31.41 -26.94
N SER A 250 -12.52 32.72 -26.69
CA SER A 250 -11.75 33.12 -25.52
C SER A 250 -12.43 32.69 -24.22
N ARG A 251 -13.76 32.74 -24.19
CA ARG A 251 -14.51 32.28 -23.02
C ARG A 251 -14.34 30.77 -22.83
N ARG A 252 -14.49 30.00 -23.91
CA ARG A 252 -14.25 28.56 -23.89
C ARG A 252 -12.86 28.23 -23.36
N SER A 253 -11.83 28.80 -23.96
CA SER A 253 -10.47 28.53 -23.54
C SER A 253 -10.17 28.95 -22.11
N GLN A 254 -10.83 29.99 -21.60
CA GLN A 254 -10.63 30.33 -20.19
C GLN A 254 -11.44 29.43 -19.26
N ILE A 255 -12.57 28.89 -19.74
CA ILE A 255 -13.22 27.79 -19.04
C ILE A 255 -12.26 26.63 -18.89
N LEU A 256 -11.64 26.24 -19.99
CA LEU A 256 -10.67 25.15 -19.97
C LEU A 256 -9.51 25.45 -19.02
N MET A 257 -8.99 26.67 -19.06
CA MET A 257 -7.84 27.03 -18.23
C MET A 257 -8.18 27.06 -16.74
N TRP A 258 -9.32 27.63 -16.36
CA TRP A 258 -9.65 27.67 -14.93
C TRP A 258 -10.10 26.31 -14.39
N SER A 259 -10.86 25.55 -15.18
CA SER A 259 -11.17 24.17 -14.78
C SER A 259 -9.91 23.33 -14.65
N ALA A 260 -8.97 23.49 -15.59
CA ALA A 260 -7.67 22.85 -15.49
C ALA A 260 -6.93 23.26 -14.22
N ASN A 261 -6.83 24.57 -13.96
CA ASN A 261 -6.16 25.03 -12.75
C ASN A 261 -6.78 24.44 -11.49
N LYS A 262 -8.10 24.42 -11.41
CA LYS A 262 -8.75 23.93 -10.19
C LYS A 262 -8.76 22.41 -10.06
N VAL A 263 -8.70 21.66 -11.16
CA VAL A 263 -8.44 20.23 -11.04
C VAL A 263 -6.97 19.91 -10.83
N PHE A 264 -6.05 20.80 -11.23
CA PHE A 264 -4.63 20.62 -11.02
C PHE A 264 -4.10 21.37 -9.80
N GLU A 265 -4.98 22.00 -9.02
CA GLU A 265 -4.58 22.50 -7.72
C GLU A 265 -4.39 21.35 -6.74
N GLU A 266 -5.33 20.42 -6.71
CA GLU A 266 -5.24 19.23 -5.89
C GLU A 266 -6.25 18.21 -6.40
N LEU A 267 -5.98 16.93 -6.10
CA LEU A 267 -6.93 15.87 -6.40
C LEU A 267 -8.05 15.87 -5.37
N THR A 268 -9.30 15.94 -5.85
CA THR A 268 -10.48 15.94 -4.98
C THR A 268 -11.60 15.22 -5.70
N ASP A 269 -12.63 14.84 -4.92
CA ASP A 269 -13.81 14.14 -5.43
C ASP A 269 -14.62 14.99 -6.41
N VAL A 270 -15.60 14.32 -7.03
CA VAL A 270 -16.43 14.91 -8.09
C VAL A 270 -17.08 16.21 -7.63
N GLU A 271 -17.64 16.21 -6.42
CA GLU A 271 -18.30 17.40 -5.91
C GLU A 271 -17.31 18.54 -5.76
N ARG A 272 -16.15 18.25 -5.20
CA ARG A 272 -15.17 19.29 -4.88
C ARG A 272 -14.53 19.84 -6.14
N GLN A 273 -14.18 18.97 -7.09
CA GLN A 273 -13.63 19.41 -8.37
C GLN A 273 -14.63 20.22 -9.18
N PHE A 274 -15.88 19.75 -9.29
CA PHE A 274 -16.87 20.53 -10.02
C PHE A 274 -17.28 21.80 -9.29
N HIS A 275 -17.27 21.80 -7.96
CA HIS A 275 -17.45 23.04 -7.21
C HIS A 275 -16.37 24.05 -7.56
N LYS A 276 -15.10 23.64 -7.52
CA LYS A 276 -14.02 24.55 -7.85
C LYS A 276 -14.10 25.03 -9.30
N ALA A 277 -14.26 24.10 -10.25
CA ALA A 277 -14.28 24.48 -11.66
C ALA A 277 -15.48 25.35 -12.01
N LEU A 278 -16.68 24.97 -11.58
CA LEU A 278 -17.87 25.75 -11.91
C LEU A 278 -17.85 27.10 -11.22
N TYR A 279 -17.54 27.13 -9.92
CA TYR A 279 -17.52 28.40 -9.20
C TYR A 279 -16.44 29.32 -9.75
N THR A 280 -15.29 28.77 -10.16
CA THR A 280 -14.25 29.61 -10.76
C THR A 280 -14.63 30.08 -12.15
N VAL A 281 -15.56 29.38 -12.82
CA VAL A 281 -16.02 29.76 -14.15
C VAL A 281 -17.37 30.50 -14.07
N ARG A 282 -17.79 30.89 -12.86
CA ARG A 282 -19.05 31.62 -12.69
C ARG A 282 -19.14 32.85 -13.58
N SER A 283 -18.02 33.54 -13.82
CA SER A 283 -18.01 34.72 -14.67
C SER A 283 -18.10 34.39 -16.16
N TYR A 284 -17.74 33.17 -16.56
CA TYR A 284 -17.77 32.80 -17.97
C TYR A 284 -19.00 31.99 -18.36
N LEU A 285 -19.69 31.39 -17.39
CA LEU A 285 -21.02 30.84 -17.65
C LEU A 285 -22.04 31.96 -17.49
N ASN A 286 -22.50 32.51 -18.61
CA ASN A 286 -23.51 33.56 -18.62
C ASN A 286 -24.89 33.01 -18.27
N CYS A 287 -25.06 32.57 -17.03
CA CYS A 287 -26.32 32.03 -16.57
C CYS A 287 -26.75 32.71 -15.27
N GLU A 288 -28.04 33.05 -15.18
CA GLU A 288 -28.56 33.67 -13.97
C GLU A 288 -28.53 32.69 -12.80
N ARG A 289 -28.80 31.42 -13.07
CA ARG A 289 -28.55 30.33 -12.17
C ARG A 289 -28.05 29.14 -12.97
N TYR A 290 -27.39 28.22 -12.29
CA TYR A 290 -27.23 26.86 -12.81
C TYR A 290 -26.91 25.94 -11.65
N SER A 291 -27.18 24.65 -11.86
CA SER A 291 -27.03 23.65 -10.82
C SER A 291 -26.42 22.40 -11.41
N ILE A 292 -25.96 21.51 -10.53
CA ILE A 292 -25.41 20.23 -10.96
C ILE A 292 -25.81 19.15 -9.96
N GLY A 293 -26.56 18.16 -10.43
CA GLY A 293 -26.89 17.00 -9.64
C GLY A 293 -26.04 15.80 -10.03
N LEU A 294 -25.32 15.26 -9.07
CA LEU A 294 -24.52 14.07 -9.30
C LEU A 294 -25.34 12.82 -9.03
N LEU A 295 -25.37 11.91 -10.01
CA LEU A 295 -26.07 10.65 -9.86
C LEU A 295 -25.33 9.71 -8.91
N ASP A 296 -26.09 8.89 -8.20
CA ASP A 296 -25.50 7.78 -7.46
C ASP A 296 -24.77 6.85 -8.42
N MET A 297 -23.54 6.48 -8.05
CA MET A 297 -22.64 5.71 -8.88
C MET A 297 -22.73 4.21 -8.62
N THR A 298 -23.50 3.78 -7.63
CA THR A 298 -23.63 2.35 -7.33
C THR A 298 -24.34 1.57 -8.44
N LYS A 299 -23.54 1.06 -9.38
CA LYS A 299 -24.09 0.38 -10.55
C LYS A 299 -24.72 -0.95 -10.18
N GLU A 300 -24.07 -1.71 -9.31
CA GLU A 300 -24.65 -2.88 -8.67
C GLU A 300 -24.99 -2.59 -7.22
N LYS A 301 -26.01 -3.29 -6.71
CA LYS A 301 -26.42 -3.22 -5.33
C LYS A 301 -25.98 -4.45 -4.56
N GLU A 302 -25.86 -4.29 -3.25
CA GLU A 302 -25.55 -5.42 -2.38
C GLU A 302 -26.68 -6.44 -2.39
N PHE A 303 -26.30 -7.70 -2.16
CA PHE A 303 -27.23 -8.82 -2.27
C PHE A 303 -28.43 -8.69 -1.34
N TYR A 304 -28.21 -8.14 -0.14
CA TYR A 304 -29.30 -7.96 0.81
C TYR A 304 -30.31 -6.92 0.37
N ASP A 305 -29.92 -5.98 -0.49
CA ASP A 305 -30.89 -5.08 -1.10
C ASP A 305 -31.58 -5.67 -2.32
N GLU A 306 -30.96 -6.63 -3.00
CA GLU A 306 -31.60 -7.31 -4.12
C GLU A 306 -32.52 -8.45 -3.70
N TRP A 307 -32.37 -8.98 -2.46
CA TRP A 307 -33.24 -10.05 -2.00
C TRP A 307 -34.73 -9.77 -2.14
N PRO A 308 -35.28 -8.63 -1.69
CA PRO A 308 -36.75 -8.47 -1.76
C PRO A 308 -37.29 -8.45 -3.18
N ILE A 309 -36.52 -7.95 -4.14
CA ILE A 309 -36.97 -7.92 -5.53
C ILE A 309 -37.05 -9.33 -6.10
N LYS A 310 -36.00 -10.14 -5.90
CA LYS A 310 -36.03 -11.51 -6.40
C LYS A 310 -37.03 -12.37 -5.65
N LEU A 311 -37.24 -12.11 -4.36
CA LEU A 311 -38.29 -12.80 -3.62
C LEU A 311 -39.68 -12.39 -4.05
N GLY A 312 -39.83 -11.22 -4.69
CA GLY A 312 -41.13 -10.72 -5.06
C GLY A 312 -41.92 -10.05 -3.95
N GLU A 313 -41.32 -9.84 -2.78
CA GLU A 313 -41.98 -9.08 -1.72
C GLU A 313 -42.19 -7.63 -2.11
N VAL A 314 -41.27 -7.04 -2.87
CA VAL A 314 -41.43 -5.68 -3.37
C VAL A 314 -41.50 -5.72 -4.89
N GLU A 315 -42.47 -4.99 -5.45
CA GLU A 315 -42.64 -4.92 -6.89
C GLU A 315 -41.38 -4.36 -7.56
N PRO A 316 -41.05 -4.85 -8.76
CA PRO A 316 -39.87 -4.33 -9.47
C PRO A 316 -40.01 -2.85 -9.81
N TYR A 317 -38.89 -2.13 -9.68
CA TYR A 317 -38.82 -0.73 -10.06
C TYR A 317 -39.10 -0.58 -11.56
N LYS A 318 -40.22 0.04 -11.88
CA LYS A 318 -40.56 0.38 -13.26
C LYS A 318 -40.59 1.89 -13.37
N GLY A 319 -39.86 2.43 -14.34
CA GLY A 319 -39.77 3.86 -14.51
C GLY A 319 -38.45 4.27 -15.11
N PRO A 320 -37.98 5.47 -14.74
CA PRO A 320 -36.73 5.99 -15.31
C PRO A 320 -35.52 5.13 -14.96
N LYS A 321 -34.67 4.91 -15.96
CA LYS A 321 -33.40 4.22 -15.78
C LYS A 321 -32.36 4.80 -16.71
N THR A 322 -31.13 4.92 -16.22
CA THR A 322 -30.02 5.36 -17.04
C THR A 322 -29.79 4.39 -18.19
N PRO A 323 -29.16 4.83 -19.29
CA PRO A 323 -28.90 3.91 -20.40
C PRO A 323 -28.07 2.70 -20.01
N ASP A 324 -27.20 2.87 -19.01
CA ASP A 324 -26.44 1.74 -18.48
C ASP A 324 -27.28 0.84 -17.57
N GLY A 325 -28.50 1.26 -17.22
CA GLY A 325 -29.42 0.43 -16.48
C GLY A 325 -29.56 0.75 -15.01
N ARG A 326 -28.74 1.66 -14.48
CA ARG A 326 -28.88 2.11 -13.11
C ARG A 326 -30.17 2.92 -12.91
N GLU A 327 -30.53 3.08 -11.64
CA GLU A 327 -31.63 3.95 -11.25
C GLU A 327 -31.20 5.41 -11.27
N VAL A 328 -32.11 6.29 -11.68
CA VAL A 328 -31.88 7.72 -11.62
C VAL A 328 -32.08 8.21 -10.19
N ASN A 329 -30.99 8.29 -9.43
CA ASN A 329 -31.00 8.76 -8.04
C ASN A 329 -29.88 9.78 -7.92
N PHE A 330 -30.24 11.04 -7.69
CA PHE A 330 -29.27 12.10 -7.47
C PHE A 330 -28.89 12.15 -6.00
N TYR A 331 -27.63 11.85 -5.70
CA TYR A 331 -27.21 11.84 -4.30
C TYR A 331 -26.83 13.21 -3.77
N LYS A 332 -26.62 14.20 -4.64
CA LYS A 332 -26.23 15.53 -4.19
C LYS A 332 -26.58 16.55 -5.28
N ILE A 333 -27.02 17.73 -4.87
CA ILE A 333 -27.11 18.88 -5.76
C ILE A 333 -26.31 20.03 -5.16
N ILE A 334 -25.69 20.83 -6.02
CA ILE A 334 -25.04 22.07 -5.62
C ILE A 334 -25.62 23.19 -6.49
N ASP A 335 -26.38 24.09 -5.87
CA ASP A 335 -27.00 25.22 -6.55
C ASP A 335 -26.11 26.45 -6.41
N TYR A 336 -25.75 27.06 -7.54
CA TYR A 336 -24.99 28.29 -7.60
C TYR A 336 -25.94 29.41 -8.03
N ILE A 337 -26.54 30.09 -7.06
CA ILE A 337 -27.43 31.21 -7.35
C ILE A 337 -26.57 32.46 -7.57
N LEU A 338 -26.71 33.07 -8.74
CA LEU A 338 -25.87 34.19 -9.14
C LEU A 338 -26.64 35.42 -9.61
N HIS A 339 -27.95 35.32 -9.89
CA HIS A 339 -28.65 36.45 -10.49
C HIS A 339 -28.90 37.55 -9.47
N GLY A 340 -29.15 37.18 -8.23
CA GLY A 340 -29.36 38.13 -7.15
C GLY A 340 -28.20 38.12 -6.21
N LYS A 341 -28.45 37.77 -4.94
CA LYS A 341 -27.35 37.46 -4.04
C LYS A 341 -26.73 36.12 -4.43
N GLU A 342 -25.42 36.13 -4.65
CA GLU A 342 -24.68 34.91 -4.91
C GLU A 342 -24.68 34.01 -3.68
N GLU A 343 -25.13 32.76 -3.84
CA GLU A 343 -25.08 31.80 -2.75
C GLU A 343 -24.86 30.41 -3.31
N ILE A 344 -24.27 29.55 -2.49
CA ILE A 344 -23.86 28.20 -2.90
C ILE A 344 -24.57 27.23 -1.97
N LYS A 345 -25.76 26.77 -2.37
CA LYS A 345 -26.55 25.87 -1.56
C LYS A 345 -26.18 24.43 -1.89
N VAL A 346 -25.63 23.70 -0.93
CA VAL A 346 -25.40 22.28 -1.07
C VAL A 346 -26.60 21.54 -0.48
N ILE A 347 -27.26 20.74 -1.30
CA ILE A 347 -28.38 19.92 -0.88
C ILE A 347 -27.99 18.45 -1.00
N PRO A 348 -27.55 17.81 0.09
CA PRO A 348 -27.38 16.36 0.08
C PRO A 348 -28.71 15.65 0.00
N THR A 349 -28.75 14.62 -0.86
CA THR A 349 -29.94 13.79 -1.07
C THR A 349 -31.19 14.62 -1.36
N PRO A 350 -31.18 15.43 -2.41
CA PRO A 350 -32.33 16.31 -2.68
C PRO A 350 -33.60 15.51 -2.89
N PRO A 351 -34.67 15.83 -2.17
CA PRO A 351 -35.97 15.25 -2.47
C PRO A 351 -36.48 15.70 -3.82
N ALA A 352 -37.49 14.98 -4.32
CA ALA A 352 -38.16 15.36 -5.57
C ALA A 352 -38.84 16.71 -5.48
N ASP A 353 -39.06 17.23 -4.28
CA ASP A 353 -39.58 18.59 -4.10
C ASP A 353 -38.59 19.66 -4.55
N HIS A 354 -37.31 19.32 -4.70
CA HIS A 354 -36.31 20.28 -5.15
C HIS A 354 -36.68 20.86 -6.51
N TRP A 355 -36.59 22.20 -6.60
CA TRP A 355 -37.08 22.94 -7.75
C TRP A 355 -36.45 22.54 -9.07
N THR A 356 -35.30 21.87 -9.05
CA THR A 356 -34.75 21.29 -10.27
C THR A 356 -35.36 19.95 -10.62
N LEU A 357 -35.73 19.15 -9.61
CA LEU A 357 -36.19 17.79 -9.81
C LEU A 357 -37.71 17.66 -9.97
N ILE A 358 -38.47 18.69 -9.61
CA ILE A 358 -39.91 18.65 -9.83
C ILE A 358 -40.23 18.52 -11.32
N SER A 359 -39.39 19.11 -12.18
CA SER A 359 -39.44 18.82 -13.61
C SER A 359 -38.59 17.60 -13.94
N GLY A 360 -39.06 16.80 -14.89
CA GLY A 360 -38.40 15.58 -15.29
C GLY A 360 -37.12 15.74 -16.09
N LEU A 361 -36.70 16.97 -16.41
CA LEU A 361 -35.64 17.12 -17.40
C LEU A 361 -34.27 16.60 -16.95
N PRO A 362 -33.86 16.79 -15.68
CA PRO A 362 -32.67 16.05 -15.23
C PRO A 362 -32.88 14.54 -15.24
N THR A 363 -34.10 14.09 -14.92
CA THR A 363 -34.40 12.67 -14.93
C THR A 363 -34.36 12.12 -16.36
N TYR A 364 -34.91 12.88 -17.31
CA TYR A 364 -34.86 12.51 -18.71
C TYR A 364 -33.43 12.50 -19.28
N VAL A 365 -32.59 13.45 -18.84
CA VAL A 365 -31.19 13.45 -19.26
C VAL A 365 -30.42 12.28 -18.66
N ALA A 366 -30.67 11.95 -17.40
CA ALA A 366 -30.08 10.73 -16.84
C ALA A 366 -30.60 9.49 -17.53
N GLU A 367 -31.87 9.49 -17.94
CA GLU A 367 -32.43 8.35 -18.67
C GLU A 367 -31.79 8.18 -20.04
N ASN A 368 -31.42 9.27 -20.71
CA ASN A 368 -31.03 9.19 -22.11
C ASN A 368 -29.62 9.69 -22.42
N GLY A 369 -29.06 10.58 -21.60
CA GLY A 369 -27.82 11.22 -21.97
C GLY A 369 -27.90 12.21 -23.10
N PHE A 370 -29.08 12.76 -23.38
CA PHE A 370 -29.24 13.76 -24.43
C PHE A 370 -28.96 15.16 -23.91
N ILE A 371 -28.33 15.98 -24.76
CA ILE A 371 -28.19 17.41 -24.50
C ILE A 371 -29.50 18.11 -24.87
N CYS A 372 -30.12 18.75 -23.89
CA CYS A 372 -31.45 19.32 -24.02
C CYS A 372 -31.38 20.83 -23.84
N ASN A 373 -31.82 21.58 -24.85
CA ASN A 373 -32.06 23.01 -24.71
C ASN A 373 -33.55 23.27 -24.86
N MET A 374 -34.09 24.09 -23.96
CA MET A 374 -35.52 24.29 -23.83
C MET A 374 -35.79 25.76 -23.56
N MET A 375 -36.75 26.32 -24.28
CA MET A 375 -37.12 27.72 -24.17
C MET A 375 -38.60 27.87 -23.84
N ASN A 376 -38.90 28.97 -23.14
CA ASN A 376 -40.25 29.31 -22.68
C ASN A 376 -40.86 28.17 -21.85
N ALA A 377 -40.17 27.87 -20.74
CA ALA A 377 -40.53 26.76 -19.87
C ALA A 377 -42.02 26.62 -19.53
N PRO A 378 -42.79 27.69 -19.28
CA PRO A 378 -44.22 27.51 -19.04
C PRO A 378 -45.01 26.95 -20.22
N ALA A 379 -44.53 27.11 -21.45
CA ALA A 379 -45.31 26.67 -22.60
C ALA A 379 -45.19 25.17 -22.88
N ASP A 380 -44.10 24.52 -22.47
CA ASP A 380 -43.97 23.10 -22.72
C ASP A 380 -44.94 22.30 -21.86
N GLU A 381 -45.54 21.29 -22.47
CA GLU A 381 -46.54 20.44 -21.83
C GLU A 381 -45.97 19.15 -21.25
N TYR A 382 -44.94 18.58 -21.87
CA TYR A 382 -44.40 17.31 -21.40
C TYR A 382 -43.64 17.49 -20.09
N PHE A 383 -42.81 18.54 -19.99
CA PHE A 383 -42.14 18.86 -18.74
C PHE A 383 -42.90 19.92 -17.97
N THR A 384 -43.29 19.56 -16.74
CA THR A 384 -43.99 20.46 -15.82
C THR A 384 -43.04 21.46 -15.13
N PHE A 385 -42.42 22.29 -15.95
CA PHE A 385 -41.66 23.41 -15.41
C PHE A 385 -42.58 24.49 -14.88
N GLN A 386 -42.11 25.18 -13.84
CA GLN A 386 -42.87 26.22 -13.15
C GLN A 386 -43.21 27.38 -14.08
N LYS A 387 -44.47 27.80 -14.06
CA LYS A 387 -44.93 28.92 -14.86
C LYS A 387 -44.74 30.26 -14.19
N GLY A 388 -44.33 30.28 -12.91
CA GLY A 388 -44.22 31.50 -12.15
C GLY A 388 -42.94 31.56 -11.36
N PRO A 389 -42.90 32.42 -10.34
CA PRO A 389 -41.77 32.41 -9.40
C PRO A 389 -41.57 31.04 -8.77
N VAL A 390 -40.31 30.67 -8.57
CA VAL A 390 -39.95 29.36 -8.07
C VAL A 390 -39.47 29.37 -6.62
N ASP A 391 -38.87 30.47 -6.16
CA ASP A 391 -38.39 30.56 -4.79
C ASP A 391 -38.86 31.84 -4.11
N GLU A 392 -40.01 32.37 -4.54
CA GLU A 392 -40.62 33.61 -4.06
C GLU A 392 -39.76 34.84 -4.30
N THR A 393 -38.59 34.69 -4.92
CA THR A 393 -37.71 35.81 -5.20
C THR A 393 -38.01 36.46 -6.54
N GLY A 394 -39.10 36.05 -7.19
CA GLY A 394 -39.42 36.50 -8.53
C GLY A 394 -38.56 35.93 -9.63
N TRP A 395 -37.61 35.05 -9.31
CA TRP A 395 -36.84 34.38 -10.34
C TRP A 395 -37.68 33.28 -10.97
N VAL A 396 -37.80 33.30 -12.29
CA VAL A 396 -38.64 32.37 -13.04
C VAL A 396 -37.77 31.67 -14.08
N ILE A 397 -37.84 30.33 -14.10
CA ILE A 397 -37.12 29.54 -15.09
C ILE A 397 -37.67 29.84 -16.48
N LYS A 398 -36.80 30.33 -17.36
CA LYS A 398 -37.20 30.66 -18.73
C LYS A 398 -36.54 29.78 -19.76
N ASN A 399 -35.23 29.54 -19.63
CA ASN A 399 -34.49 28.63 -20.49
C ASN A 399 -33.78 27.59 -19.64
N VAL A 400 -33.59 26.40 -20.21
CA VAL A 400 -32.87 25.32 -19.55
C VAL A 400 -31.95 24.66 -20.57
N LEU A 401 -30.70 24.40 -20.15
CA LEU A 401 -29.74 23.66 -20.96
C LEU A 401 -29.16 22.58 -20.06
N SER A 402 -29.62 21.35 -20.24
CA SER A 402 -29.22 20.21 -19.44
C SER A 402 -28.31 19.31 -20.26
N LEU A 403 -27.18 18.94 -19.68
CA LEU A 403 -26.18 18.09 -20.31
C LEU A 403 -25.77 16.97 -19.36
N PRO A 404 -25.54 15.78 -19.89
CA PRO A 404 -24.90 14.72 -19.09
C PRO A 404 -23.40 14.91 -19.04
N ILE A 405 -22.82 14.55 -17.90
CA ILE A 405 -21.39 14.32 -17.77
C ILE A 405 -21.17 12.82 -17.88
N VAL A 406 -20.23 12.40 -18.72
CA VAL A 406 -20.10 10.99 -19.08
C VAL A 406 -18.69 10.52 -18.72
N ASN A 407 -18.60 9.48 -17.91
CA ASN A 407 -17.35 8.74 -17.71
C ASN A 407 -16.98 8.01 -19.00
N LYS A 408 -15.67 7.86 -19.23
CA LYS A 408 -15.17 7.20 -20.45
C LYS A 408 -15.82 5.85 -20.76
N LYS A 409 -16.39 5.18 -19.75
CA LYS A 409 -17.09 3.92 -19.99
C LYS A 409 -18.47 4.10 -20.64
N GLU A 410 -18.87 5.35 -20.90
CA GLU A 410 -20.19 5.82 -21.32
C GLU A 410 -21.21 5.83 -20.18
N ASP A 411 -20.84 5.38 -18.98
CA ASP A 411 -21.70 5.56 -17.82
C ASP A 411 -21.77 7.03 -17.43
N ILE A 412 -22.99 7.51 -17.17
CA ILE A 412 -23.20 8.91 -16.82
C ILE A 412 -22.93 9.11 -15.33
N VAL A 413 -22.37 10.27 -14.99
CA VAL A 413 -22.00 10.58 -13.62
C VAL A 413 -22.82 11.73 -13.04
N GLY A 414 -23.28 12.67 -13.86
CA GLY A 414 -24.07 13.77 -13.31
C GLY A 414 -24.77 14.53 -14.43
N VAL A 415 -25.66 15.42 -13.99
CA VAL A 415 -26.44 16.27 -14.87
C VAL A 415 -26.21 17.72 -14.48
N ALA A 416 -25.63 18.49 -15.40
CA ALA A 416 -25.42 19.93 -15.23
C ALA A 416 -26.53 20.68 -15.97
N THR A 417 -27.29 21.49 -15.22
CA THR A 417 -28.46 22.18 -15.76
C THR A 417 -28.18 23.68 -15.73
N PHE A 418 -28.00 24.27 -16.90
CA PHE A 418 -27.70 25.70 -17.06
C PHE A 418 -28.97 26.44 -17.46
N TYR A 419 -29.37 27.41 -16.62
CA TYR A 419 -30.66 28.08 -16.77
C TYR A 419 -30.65 29.32 -17.65
N ASN A 420 -31.06 30.48 -17.13
CA ASN A 420 -31.38 31.60 -18.02
C ASN A 420 -30.12 32.19 -18.66
N ARG A 421 -30.25 32.54 -19.94
CA ARG A 421 -29.15 32.95 -20.81
C ARG A 421 -28.73 34.40 -20.59
N LYS A 422 -29.23 35.06 -19.54
CA LYS A 422 -29.04 36.49 -19.26
C LYS A 422 -29.66 37.41 -20.31
N ASP A 423 -29.17 37.35 -21.54
CA ASP A 423 -29.71 38.15 -22.65
C ASP A 423 -31.16 37.83 -22.97
N GLY A 424 -31.74 36.77 -22.40
CA GLY A 424 -33.11 36.39 -22.68
C GLY A 424 -33.29 35.67 -24.00
N LYS A 425 -32.27 35.62 -24.85
CA LYS A 425 -32.31 34.82 -26.05
C LYS A 425 -32.33 33.33 -25.70
N PRO A 426 -32.93 32.50 -26.56
CA PRO A 426 -32.75 31.05 -26.42
C PRO A 426 -31.30 30.64 -26.62
N PHE A 427 -30.97 29.46 -26.09
CA PHE A 427 -29.67 28.85 -26.34
C PHE A 427 -29.43 28.65 -27.83
N ASP A 428 -28.26 29.07 -28.29
CA ASP A 428 -27.84 28.95 -29.67
C ASP A 428 -26.74 27.89 -29.76
N GLU A 429 -26.47 27.45 -31.00
CA GLU A 429 -25.42 26.46 -31.22
C GLU A 429 -24.06 26.91 -30.72
N HIS A 430 -23.81 28.22 -30.64
CA HIS A 430 -22.59 28.72 -30.03
C HIS A 430 -22.54 28.42 -28.53
N ASP A 431 -23.63 28.71 -27.82
CA ASP A 431 -23.67 28.41 -26.39
C ASP A 431 -23.78 26.91 -26.13
N GLU A 432 -24.45 26.18 -27.01
CA GLU A 432 -24.34 24.72 -26.98
C GLU A 432 -22.90 24.27 -27.14
N TYR A 433 -22.14 24.89 -28.04
CA TYR A 433 -20.74 24.54 -28.24
C TYR A 433 -19.90 24.83 -27.01
N ILE A 434 -20.17 25.95 -26.34
CA ILE A 434 -19.44 26.29 -25.11
C ILE A 434 -19.78 25.31 -23.99
N THR A 435 -21.06 25.03 -23.79
CA THR A 435 -21.45 24.13 -22.70
C THR A 435 -21.03 22.69 -22.96
N GLU A 436 -21.13 22.23 -24.22
CA GLU A 436 -20.67 20.90 -24.57
C GLU A 436 -19.15 20.76 -24.41
N THR A 437 -18.40 21.81 -24.73
CA THR A 437 -16.97 21.81 -24.44
C THR A 437 -16.71 21.70 -22.94
N LEU A 438 -17.39 22.52 -22.14
CA LEU A 438 -17.24 22.44 -20.69
C LEU A 438 -17.53 21.02 -20.19
N THR A 439 -18.65 20.44 -20.62
CA THR A 439 -19.04 19.12 -20.14
C THR A 439 -18.12 18.00 -20.62
N GLN A 440 -17.55 18.11 -21.82
CA GLN A 440 -16.52 17.14 -22.23
C GLN A 440 -15.24 17.28 -21.41
N PHE A 441 -14.82 18.51 -21.12
CA PHE A 441 -13.67 18.70 -20.24
C PHE A 441 -13.94 18.13 -18.85
N LEU A 442 -15.14 18.36 -18.31
CA LEU A 442 -15.49 17.81 -17.01
C LEU A 442 -15.52 16.28 -17.03
N GLY A 443 -16.02 15.69 -18.11
CA GLY A 443 -15.98 14.25 -18.24
C GLY A 443 -14.59 13.66 -18.35
N TRP A 444 -13.66 14.38 -18.98
CA TRP A 444 -12.25 13.95 -18.94
C TRP A 444 -11.63 14.18 -17.55
N SER A 445 -11.96 15.30 -16.91
CA SER A 445 -11.51 15.61 -15.56
C SER A 445 -11.99 14.61 -14.52
N LEU A 446 -13.05 13.86 -14.84
CA LEU A 446 -13.42 12.73 -13.98
C LEU A 446 -12.28 11.74 -13.77
N LEU A 447 -11.33 11.66 -14.70
CA LEU A 447 -10.14 10.84 -14.47
C LEU A 447 -9.41 11.24 -13.20
N ASN A 448 -9.31 12.54 -12.92
CA ASN A 448 -8.57 12.97 -11.72
C ASN A 448 -9.30 12.59 -10.43
N THR A 449 -10.64 12.65 -10.41
CA THR A 449 -11.37 12.08 -9.29
C THR A 449 -11.18 10.57 -9.21
N ASP A 450 -11.26 9.88 -10.36
CA ASP A 450 -11.04 8.44 -10.39
C ASP A 450 -9.72 8.11 -9.70
N THR A 451 -8.65 8.82 -10.11
CA THR A 451 -7.34 8.60 -9.53
C THR A 451 -7.34 8.97 -8.06
N TYR A 452 -8.05 10.03 -7.68
CA TYR A 452 -8.03 10.48 -6.29
C TYR A 452 -8.60 9.40 -5.39
N ASP A 453 -9.71 8.81 -5.80
CA ASP A 453 -10.28 7.67 -5.08
C ASP A 453 -9.32 6.50 -5.12
N LYS A 454 -8.70 6.25 -6.28
CA LYS A 454 -7.83 5.10 -6.40
C LYS A 454 -6.65 5.22 -5.46
N MET A 455 -6.08 6.43 -5.35
CA MET A 455 -4.89 6.60 -4.53
C MET A 455 -5.29 6.60 -3.06
N ASN A 456 -6.44 7.18 -2.70
CA ASN A 456 -6.89 7.11 -1.32
C ASN A 456 -7.15 5.67 -0.89
N LYS A 457 -7.73 4.86 -1.80
CA LYS A 457 -7.84 3.42 -1.56
C LYS A 457 -6.47 2.76 -1.42
N LEU A 458 -5.53 3.11 -2.30
CA LEU A 458 -4.17 2.55 -2.23
C LEU A 458 -3.47 2.97 -0.96
N GLU A 459 -3.63 4.24 -0.56
CA GLU A 459 -3.06 4.76 0.67
C GLU A 459 -3.65 4.07 1.90
N ASN A 460 -4.97 3.98 1.99
CA ASN A 460 -5.60 3.26 3.10
C ASN A 460 -5.18 1.80 3.13
N ARG A 461 -5.14 1.14 1.97
CA ARG A 461 -4.68 -0.24 1.92
C ARG A 461 -3.21 -0.37 2.31
N LYS A 462 -2.36 0.57 1.89
CA LYS A 462 -0.96 0.56 2.32
C LYS A 462 -0.83 0.76 3.81
N ASP A 463 -1.56 1.73 4.39
CA ASP A 463 -1.47 1.99 5.82
C ASP A 463 -2.01 0.81 6.64
N ILE A 464 -3.10 0.19 6.17
CA ILE A 464 -3.59 -1.04 6.80
C ILE A 464 -2.56 -2.15 6.68
N ALA A 465 -1.99 -2.35 5.50
CA ALA A 465 -1.00 -3.40 5.30
C ALA A 465 0.24 -3.18 6.16
N GLN A 466 0.68 -1.93 6.29
CA GLN A 466 1.80 -1.62 7.18
C GLN A 466 1.45 -1.84 8.65
N GLU A 467 0.24 -1.50 9.06
CA GLU A 467 -0.15 -1.74 10.46
C GLU A 467 -0.34 -3.22 10.76
N MET A 468 -0.90 -3.98 9.80
CA MET A 468 -0.99 -5.43 9.92
C MET A 468 0.38 -6.08 9.95
N LEU A 469 1.30 -5.60 9.10
CA LEU A 469 2.69 -6.03 9.14
C LEU A 469 3.33 -5.68 10.48
N MET A 470 3.04 -4.50 11.01
CA MET A 470 3.58 -4.10 12.30
C MET A 470 3.07 -4.98 13.43
N ASN A 471 1.81 -5.40 13.35
CA ASN A 471 1.29 -6.36 14.33
C ASN A 471 1.98 -7.69 14.22
N GLN A 472 2.12 -8.23 13.01
CA GLN A 472 2.83 -9.49 12.83
C GLN A 472 4.31 -9.41 13.21
N THR A 473 4.93 -8.24 13.02
CA THR A 473 6.37 -8.09 13.17
C THR A 473 6.80 -7.67 14.58
N LYS A 474 6.07 -6.73 15.20
CA LYS A 474 6.41 -6.30 16.55
C LYS A 474 6.41 -7.47 17.51
N ALA A 475 7.39 -7.47 18.42
CA ALA A 475 7.41 -8.47 19.48
C ALA A 475 6.18 -8.35 20.37
N THR A 476 5.48 -9.46 20.53
CA THR A 476 4.42 -9.57 21.51
C THR A 476 4.99 -9.40 22.93
N PRO A 477 4.14 -9.03 23.90
CA PRO A 477 4.63 -8.91 25.28
C PRO A 477 5.18 -10.19 25.85
N GLU A 478 4.72 -11.35 25.38
CA GLU A 478 5.37 -12.61 25.76
C GLU A 478 6.79 -12.69 25.23
N GLU A 479 7.03 -12.27 23.99
CA GLU A 479 8.38 -12.24 23.45
C GLU A 479 9.28 -11.27 24.21
N ILE A 480 8.73 -10.16 24.69
CA ILE A 480 9.49 -9.27 25.58
C ILE A 480 9.81 -9.96 26.90
N LYS A 481 8.78 -10.53 27.55
CA LYS A 481 8.96 -11.20 28.84
C LYS A 481 9.96 -12.36 28.75
N SER A 482 10.11 -12.95 27.56
CA SER A 482 11.12 -13.99 27.39
C SER A 482 12.52 -13.46 27.58
N ILE A 483 12.76 -12.19 27.29
CA ILE A 483 14.02 -11.52 27.63
C ILE A 483 13.90 -10.78 28.95
N LEU A 484 13.06 -9.75 28.97
CA LEU A 484 12.92 -8.85 30.12
C LEU A 484 12.07 -9.51 31.19
N LYS A 485 12.70 -10.43 31.94
CA LYS A 485 12.00 -11.23 32.94
C LYS A 485 11.68 -10.42 34.20
N PHE A 486 10.99 -9.30 34.01
CA PHE A 486 10.59 -8.48 35.15
C PHE A 486 9.59 -9.21 36.05
N GLN A 487 8.68 -9.99 35.45
CA GLN A 487 7.71 -10.75 36.23
C GLN A 487 8.38 -11.72 37.20
N GLU A 488 9.26 -12.58 36.66
CA GLU A 488 9.83 -13.67 37.43
C GLU A 488 10.74 -13.23 38.58
N LYS A 489 11.08 -11.94 38.68
CA LYS A 489 12.01 -11.52 39.72
C LYS A 489 11.53 -10.31 40.51
N LEU A 490 10.84 -9.37 39.86
CA LEU A 490 10.26 -8.23 40.58
C LEU A 490 8.90 -8.55 41.17
N ASN A 491 8.28 -9.65 40.75
CA ASN A 491 7.02 -10.14 41.29
C ASN A 491 5.89 -9.13 41.12
N VAL A 492 5.91 -8.40 40.01
CA VAL A 492 4.89 -7.41 39.70
C VAL A 492 3.82 -7.99 38.78
N ASP A 493 4.24 -8.77 37.79
CA ASP A 493 3.40 -9.66 37.00
C ASP A 493 2.32 -8.99 36.14
N VAL A 494 2.16 -7.68 36.22
CA VAL A 494 1.04 -7.05 35.51
C VAL A 494 1.55 -5.93 34.60
N ILE A 495 2.17 -4.91 35.19
CA ILE A 495 2.58 -3.72 34.45
C ILE A 495 4.04 -3.44 34.78
N ASP A 496 4.75 -2.84 33.82
CA ASP A 496 6.06 -2.25 34.07
C ASP A 496 5.92 -0.89 34.76
N ASP A 497 5.38 -0.93 35.98
CA ASP A 497 5.27 0.23 36.85
C ASP A 497 6.52 0.47 37.69
N CYS A 498 7.48 -0.45 37.65
CA CYS A 498 8.71 -0.32 38.39
C CYS A 498 9.60 0.75 37.76
N GLU A 499 10.50 1.30 38.57
CA GLU A 499 11.44 2.30 38.07
C GLU A 499 12.41 1.69 37.07
N GLU A 500 12.83 2.53 36.12
CA GLU A 500 13.72 2.10 35.03
C GLU A 500 15.03 1.50 35.53
N LYS A 501 15.54 1.97 36.68
CA LYS A 501 16.72 1.35 37.26
C LYS A 501 16.52 -0.12 37.60
N GLN A 502 15.29 -0.52 37.94
CA GLN A 502 15.02 -1.93 38.21
C GLN A 502 15.10 -2.76 36.93
N LEU A 503 14.53 -2.24 35.85
CA LEU A 503 14.65 -2.90 34.55
C LEU A 503 16.09 -2.96 34.06
N VAL A 504 16.87 -1.90 34.31
CA VAL A 504 18.29 -1.93 33.95
C VAL A 504 19.03 -3.01 34.73
N ALA A 505 18.79 -3.12 36.04
CA ALA A 505 19.44 -4.17 36.81
C ALA A 505 19.01 -5.57 36.34
N ILE A 506 17.71 -5.77 36.17
CA ILE A 506 17.18 -7.07 35.77
C ILE A 506 17.65 -7.47 34.38
N LEU A 507 17.92 -6.50 33.51
CA LEU A 507 18.45 -6.84 32.20
C LEU A 507 19.96 -7.07 32.24
N LYS A 508 20.70 -6.20 32.95
CA LYS A 508 22.15 -6.34 33.04
C LYS A 508 22.55 -7.67 33.66
N GLU A 509 21.71 -8.24 34.52
CA GLU A 509 22.04 -9.55 35.04
C GLU A 509 21.65 -10.67 34.07
N ASP A 510 20.67 -10.44 33.21
CA ASP A 510 20.21 -11.48 32.28
C ASP A 510 21.05 -11.55 31.00
N LEU A 511 21.59 -10.45 30.52
CA LEU A 511 22.39 -10.47 29.30
C LEU A 511 23.77 -11.07 29.55
N PRO A 512 24.24 -11.97 28.68
CA PRO A 512 25.54 -12.62 28.88
C PRO A 512 26.69 -11.63 28.89
N ASP A 513 27.78 -12.02 29.55
CA ASP A 513 28.98 -11.21 29.57
C ASP A 513 29.69 -11.24 28.22
N PRO A 514 30.09 -10.08 27.68
CA PRO A 514 30.74 -10.07 26.35
C PRO A 514 32.11 -10.71 26.33
N ARG A 515 32.81 -10.77 27.46
CA ARG A 515 34.08 -11.49 27.52
C ARG A 515 33.86 -12.99 27.45
N SER A 516 32.77 -13.49 28.05
CA SER A 516 32.53 -14.92 28.08
C SER A 516 32.07 -15.45 26.72
N ALA A 517 31.28 -14.66 25.98
CA ALA A 517 30.74 -15.10 24.71
C ALA A 517 31.50 -14.55 23.51
N GLU A 518 32.73 -14.07 23.70
CA GLU A 518 33.62 -13.61 22.62
C GLU A 518 33.06 -12.44 21.83
N LEU A 519 32.14 -11.66 22.42
CA LEU A 519 31.51 -10.56 21.70
C LEU A 519 32.49 -9.45 21.31
N TYR A 520 33.67 -9.41 21.92
CA TYR A 520 34.70 -8.45 21.53
C TYR A 520 35.59 -8.92 20.38
N GLU A 521 35.85 -10.22 20.26
CA GLU A 521 36.87 -10.68 19.34
C GLU A 521 36.38 -10.70 17.89
N PHE A 522 37.35 -10.66 16.97
CA PHE A 522 37.06 -10.80 15.54
C PHE A 522 36.64 -12.21 15.18
N ARG A 523 37.12 -13.20 15.94
CA ARG A 523 36.88 -14.62 15.69
C ARG A 523 35.53 -15.12 16.20
N PHE A 524 34.66 -14.21 16.64
CA PHE A 524 33.31 -14.57 17.08
C PHE A 524 32.57 -15.39 16.02
N SER A 525 31.94 -16.47 16.46
CA SER A 525 31.07 -17.30 15.62
C SER A 525 29.71 -17.42 16.27
N ASP A 526 28.66 -17.19 15.49
CA ASP A 526 27.28 -17.28 15.98
C ASP A 526 26.69 -18.68 15.88
N PHE A 527 27.38 -19.63 15.26
CA PHE A 527 26.84 -20.98 15.12
C PHE A 527 26.45 -21.66 16.42
N PRO A 528 27.21 -21.56 17.53
CA PRO A 528 26.73 -22.18 18.78
C PRO A 528 25.50 -21.52 19.36
N LEU A 529 25.32 -20.22 19.15
CA LEU A 529 24.22 -19.49 19.75
C LEU A 529 22.94 -19.62 18.94
N THR A 530 21.81 -19.63 19.64
CA THR A 530 20.52 -19.50 18.99
C THR A 530 20.19 -18.03 18.72
N GLU A 531 19.23 -17.82 17.82
CA GLU A 531 18.85 -16.47 17.40
C GLU A 531 18.30 -15.62 18.55
N HIS A 532 17.59 -16.23 19.50
CA HIS A 532 17.17 -15.53 20.71
C HIS A 532 18.39 -15.10 21.54
N GLY A 533 19.39 -15.98 21.64
CA GLY A 533 20.64 -15.59 22.25
C GLY A 533 21.36 -14.50 21.50
N LEU A 534 21.21 -14.45 20.18
CA LEU A 534 21.72 -13.31 19.42
C LEU A 534 20.98 -12.02 19.75
N ILE A 535 19.67 -12.08 19.98
CA ILE A 535 18.93 -10.89 20.42
C ILE A 535 19.48 -10.38 21.75
N LYS A 536 19.63 -11.30 22.71
CA LYS A 536 20.17 -10.93 24.02
C LYS A 536 21.59 -10.38 23.93
N CYS A 537 22.44 -10.99 23.09
CA CYS A 537 23.76 -10.44 22.83
C CYS A 537 23.72 -9.05 22.20
N GLY A 538 22.78 -8.80 21.29
CA GLY A 538 22.69 -7.48 20.69
C GLY A 538 22.29 -6.39 21.67
N ILE A 539 21.35 -6.72 22.57
CA ILE A 539 21.01 -5.79 23.64
C ILE A 539 22.22 -5.56 24.56
N ARG A 540 22.97 -6.63 24.86
CA ARG A 540 24.22 -6.46 25.61
C ARG A 540 25.20 -5.54 24.88
N LEU A 541 25.33 -5.69 23.56
CA LEU A 541 26.22 -4.83 22.80
C LEU A 541 25.80 -3.36 22.86
N PHE A 542 24.50 -3.10 22.86
CA PHE A 542 24.05 -1.72 23.08
C PHE A 542 24.33 -1.21 24.49
N PHE A 543 24.27 -2.09 25.49
CA PHE A 543 24.72 -1.70 26.83
C PHE A 543 26.22 -1.43 26.90
N GLU A 544 27.03 -2.24 26.24
CA GLU A 544 28.49 -2.20 26.43
C GLU A 544 29.13 -0.91 25.93
N ILE A 545 28.57 -0.27 24.90
CA ILE A 545 29.05 1.04 24.49
C ILE A 545 28.63 2.16 25.45
N ASN A 546 27.94 1.79 26.53
CA ASN A 546 27.54 2.71 27.60
C ASN A 546 26.67 3.86 27.11
N VAL A 547 25.69 3.54 26.26
CA VAL A 547 24.84 4.55 25.64
C VAL A 547 23.41 4.48 26.13
N VAL A 548 22.90 3.29 26.45
CA VAL A 548 21.56 3.13 27.02
C VAL A 548 21.40 3.94 28.30
N GLU A 549 22.40 3.90 29.18
CA GLU A 549 22.33 4.68 30.42
C GLU A 549 22.58 6.16 30.20
N LYS A 550 23.48 6.51 29.27
CA LYS A 550 23.84 7.90 29.07
C LYS A 550 22.68 8.72 28.51
N PHE A 551 21.99 8.19 27.50
CA PHE A 551 20.86 8.86 26.86
C PHE A 551 19.50 8.40 27.39
N LYS A 552 19.49 7.57 28.43
CA LYS A 552 18.27 7.04 29.04
C LYS A 552 17.37 6.33 28.04
N VAL A 553 17.96 5.39 27.30
CA VAL A 553 17.19 4.54 26.39
C VAL A 553 16.36 3.60 27.26
N PRO A 554 15.04 3.55 27.10
CA PRO A 554 14.24 2.62 27.89
C PRO A 554 14.59 1.18 27.56
N VAL A 555 14.74 0.38 28.63
CA VAL A 555 15.18 -1.01 28.49
C VAL A 555 14.16 -1.84 27.73
N GLU A 556 12.87 -1.70 28.07
CA GLU A 556 11.82 -2.42 27.36
C GLU A 556 11.72 -2.02 25.90
N VAL A 557 11.92 -0.73 25.60
CA VAL A 557 11.90 -0.27 24.21
C VAL A 557 13.09 -0.83 23.43
N LEU A 558 14.29 -0.79 24.01
CA LEU A 558 15.44 -1.40 23.36
C LEU A 558 15.21 -2.90 23.12
N THR A 559 14.68 -3.60 24.12
CA THR A 559 14.46 -5.04 24.00
C THR A 559 13.47 -5.37 22.90
N ARG A 560 12.38 -4.61 22.82
CA ARG A 560 11.38 -4.87 21.80
C ARG A 560 11.80 -4.42 20.41
N TRP A 561 12.60 -3.35 20.30
CA TRP A 561 13.18 -3.03 19.00
C TRP A 561 14.20 -4.07 18.54
N MET A 562 14.92 -4.71 19.46
CA MET A 562 15.83 -5.78 19.05
C MET A 562 15.10 -7.08 18.72
N TYR A 563 13.93 -7.31 19.33
CA TYR A 563 13.19 -8.49 18.95
C TYR A 563 12.44 -8.29 17.63
N THR A 564 11.84 -7.12 17.42
CA THR A 564 11.22 -6.85 16.13
C THR A 564 12.24 -6.81 14.99
N VAL A 565 13.46 -6.34 15.25
CA VAL A 565 14.53 -6.46 14.26
C VAL A 565 14.83 -7.92 13.94
N ARG A 566 14.97 -8.76 14.97
CA ARG A 566 15.14 -10.20 14.70
C ARG A 566 14.00 -10.80 13.89
N LYS A 567 12.76 -10.43 14.20
CA LYS A 567 11.61 -10.93 13.45
C LYS A 567 11.49 -10.36 12.03
N GLY A 568 12.11 -9.21 11.77
CA GLY A 568 12.07 -8.64 10.43
C GLY A 568 12.89 -9.36 9.38
N TYR A 569 13.93 -10.08 9.79
CA TYR A 569 14.63 -10.96 8.86
C TYR A 569 13.81 -12.19 8.46
N ARG A 570 13.84 -12.49 7.17
CA ARG A 570 13.29 -13.71 6.58
C ARG A 570 14.15 -14.93 6.95
N ALA A 571 13.63 -16.11 6.63
CA ALA A 571 14.31 -17.38 6.89
C ALA A 571 15.16 -17.86 5.72
N VAL A 572 15.76 -16.96 4.96
CA VAL A 572 16.59 -17.36 3.82
C VAL A 572 17.89 -18.00 4.29
N THR A 573 18.55 -18.70 3.37
CA THR A 573 19.68 -19.56 3.70
C THR A 573 20.84 -18.78 4.30
N TYR A 574 21.17 -17.61 3.76
CA TYR A 574 22.29 -16.85 4.29
C TYR A 574 21.93 -15.45 4.77
N HIS A 575 21.13 -14.71 4.01
CA HIS A 575 20.75 -13.35 4.45
C HIS A 575 19.61 -13.35 5.45
N ASN A 576 19.65 -14.26 6.43
CA ASN A 576 18.75 -14.27 7.57
C ASN A 576 19.32 -13.42 8.72
N TRP A 577 18.62 -13.45 9.86
CA TRP A 577 19.01 -12.70 11.05
C TRP A 577 20.43 -12.98 11.51
N ARG A 578 20.92 -14.21 11.32
CA ARG A 578 22.25 -14.58 11.79
C ARG A 578 23.34 -13.73 11.14
N HIS A 579 23.26 -13.52 9.82
CA HIS A 579 24.16 -12.60 9.14
C HIS A 579 24.01 -11.15 9.59
N GLY A 580 22.78 -10.70 9.86
CA GLY A 580 22.58 -9.37 10.43
C GLY A 580 23.28 -9.19 11.77
N PHE A 581 23.13 -10.16 12.66
CA PHE A 581 23.83 -10.09 13.94
C PHE A 581 25.34 -10.21 13.79
N ASN A 582 25.82 -11.06 12.88
CA ASN A 582 27.26 -11.14 12.67
C ASN A 582 27.84 -9.81 12.18
N VAL A 583 27.11 -9.10 11.33
CA VAL A 583 27.55 -7.75 10.94
C VAL A 583 27.51 -6.78 12.11
N GLY A 584 26.45 -6.82 12.93
CA GLY A 584 26.41 -5.95 14.09
C GLY A 584 27.48 -6.23 15.13
N GLN A 585 27.79 -7.50 15.35
CA GLN A 585 28.87 -7.87 16.25
C GLN A 585 30.23 -7.46 15.68
N THR A 586 30.45 -7.64 14.38
CA THR A 586 31.68 -7.17 13.78
C THR A 586 31.83 -5.66 13.90
N MET A 587 30.71 -4.93 13.78
CA MET A 587 30.73 -3.49 13.98
C MET A 587 31.12 -3.11 15.40
N PHE A 588 30.52 -3.76 16.39
CA PHE A 588 30.92 -3.53 17.78
C PHE A 588 32.39 -3.85 18.01
N THR A 589 32.88 -4.95 17.45
CA THR A 589 34.29 -5.30 17.56
C THR A 589 35.20 -4.26 16.92
N LEU A 590 34.84 -3.74 15.75
CA LEU A 590 35.60 -2.64 15.14
C LEU A 590 35.63 -1.41 16.05
N LEU A 591 34.47 -1.03 16.59
CA LEU A 591 34.43 0.11 17.50
C LEU A 591 35.32 -0.09 18.73
N MET A 592 35.17 -1.23 19.40
CA MET A 592 35.86 -1.43 20.67
C MET A 592 37.28 -1.95 20.49
N THR A 593 37.43 -3.14 19.91
CA THR A 593 38.75 -3.76 19.77
C THR A 593 39.59 -3.06 18.70
N GLY A 594 38.97 -2.68 17.58
CA GLY A 594 39.69 -1.95 16.55
C GLY A 594 40.12 -0.55 16.96
N ARG A 595 39.65 -0.04 18.09
CA ARG A 595 39.95 1.31 18.57
C ARG A 595 39.54 2.40 17.58
N LEU A 596 38.52 2.13 16.77
CA LEU A 596 38.03 3.14 15.83
C LEU A 596 37.09 4.14 16.50
N LYS A 597 36.64 3.85 17.72
CA LYS A 597 35.75 4.77 18.42
C LYS A 597 36.42 6.11 18.69
N LYS A 598 37.76 6.16 18.59
CA LYS A 598 38.46 7.40 18.86
C LYS A 598 38.03 8.49 17.88
N TYR A 599 37.59 8.10 16.67
CA TYR A 599 37.13 9.06 15.69
C TYR A 599 35.64 9.37 15.78
N TYR A 600 34.89 8.69 16.64
CA TYR A 600 33.43 8.78 16.64
C TYR A 600 32.90 9.08 18.04
N THR A 601 31.98 10.04 18.12
CA THR A 601 31.25 10.33 19.35
C THR A 601 30.33 9.17 19.71
N ASP A 602 29.69 9.28 20.88
CA ASP A 602 28.82 8.19 21.34
C ASP A 602 27.47 8.17 20.64
N LEU A 603 27.15 9.23 19.89
CA LEU A 603 25.94 9.26 19.08
C LEU A 603 26.26 8.94 17.65
N GLU A 604 27.47 8.47 17.41
CA GLU A 604 27.91 7.97 16.15
C GLU A 604 28.21 6.49 16.25
N ALA A 605 28.65 6.05 17.42
CA ALA A 605 28.75 4.62 17.72
C ALA A 605 27.38 4.02 17.99
N PHE A 606 26.49 4.77 18.66
CA PHE A 606 25.15 4.25 18.92
C PHE A 606 24.37 4.05 17.62
N ALA A 607 24.38 5.07 16.77
CA ALA A 607 23.73 4.97 15.46
C ALA A 607 24.42 3.96 14.56
N MET A 608 25.76 3.88 14.63
CA MET A 608 26.49 2.90 13.82
C MET A 608 26.10 1.46 14.17
N LEU A 609 26.02 1.14 15.46
CA LEU A 609 25.60 -0.20 15.85
C LEU A 609 24.13 -0.48 15.51
N ALA A 610 23.25 0.49 15.73
CA ALA A 610 21.84 0.30 15.37
C ALA A 610 21.63 0.13 13.87
N ALA A 611 22.41 0.83 13.04
CA ALA A 611 22.36 0.61 11.60
C ALA A 611 23.02 -0.70 11.18
N ALA A 612 24.08 -1.13 11.87
CA ALA A 612 24.72 -2.39 11.55
C ALA A 612 23.81 -3.59 11.77
N PHE A 613 23.04 -3.58 12.86
CA PHE A 613 22.09 -4.67 13.09
C PHE A 613 20.98 -4.76 12.04
N CYS A 614 20.71 -3.70 11.28
CA CYS A 614 19.56 -3.67 10.37
C CYS A 614 19.93 -3.63 8.89
N HIS A 615 21.18 -3.85 8.54
CA HIS A 615 21.67 -3.54 7.20
C HIS A 615 21.15 -4.48 6.10
N ASP A 616 20.56 -5.62 6.44
CA ASP A 616 19.92 -6.49 5.45
C ASP A 616 18.59 -7.02 5.95
N ILE A 617 17.87 -6.20 6.72
CA ILE A 617 16.56 -6.58 7.24
C ILE A 617 15.57 -6.84 6.11
N ASP A 618 14.80 -7.92 6.24
CA ASP A 618 13.83 -8.38 5.25
C ASP A 618 14.49 -8.59 3.88
N HIS A 619 15.60 -9.33 3.87
CA HIS A 619 16.19 -9.74 2.61
C HIS A 619 15.41 -10.90 2.02
N ARG A 620 15.00 -10.76 0.76
CA ARG A 620 14.20 -11.79 0.09
C ARG A 620 15.01 -13.02 -0.28
N GLY A 621 16.33 -12.90 -0.41
CA GLY A 621 17.17 -14.01 -0.79
C GLY A 621 17.82 -13.91 -2.15
N THR A 622 17.70 -12.78 -2.82
CA THR A 622 18.12 -12.60 -4.20
C THR A 622 18.95 -11.33 -4.27
N ASN A 623 19.96 -11.33 -5.14
CA ASN A 623 20.75 -10.12 -5.34
C ASN A 623 19.94 -9.07 -6.10
N ASN A 624 20.54 -7.90 -6.27
CA ASN A 624 19.91 -6.82 -7.02
C ASN A 624 19.73 -7.17 -8.49
N LEU A 625 20.53 -8.08 -9.04
CA LEU A 625 20.34 -8.51 -10.42
C LEU A 625 19.02 -9.24 -10.62
N TYR A 626 18.63 -10.10 -9.68
CA TYR A 626 17.32 -10.73 -9.78
C TYR A 626 16.21 -9.70 -9.68
N GLN A 627 16.36 -8.71 -8.80
CA GLN A 627 15.37 -7.65 -8.72
C GLN A 627 15.24 -6.90 -10.04
N MET A 628 16.38 -6.53 -10.64
CA MET A 628 16.40 -5.88 -11.95
C MET A 628 15.74 -6.72 -13.03
N LYS A 629 16.06 -8.02 -13.08
CA LYS A 629 15.61 -8.88 -14.17
C LYS A 629 14.15 -9.31 -14.01
N SER A 630 13.75 -9.71 -12.81
CA SER A 630 12.38 -10.13 -12.54
C SER A 630 11.42 -8.94 -12.50
N THR A 631 11.95 -7.72 -12.32
CA THR A 631 11.20 -6.45 -12.22
C THR A 631 10.24 -6.45 -11.02
N SER A 632 10.73 -6.99 -9.90
CA SER A 632 10.06 -6.99 -8.60
C SER A 632 9.63 -5.57 -8.22
N PRO A 633 8.56 -5.42 -7.44
CA PRO A 633 8.18 -4.08 -6.95
C PRO A 633 9.30 -3.31 -6.28
N LEU A 634 10.26 -3.99 -5.65
CA LEU A 634 11.44 -3.31 -5.12
C LEU A 634 12.22 -2.58 -6.22
N ALA A 635 12.44 -3.25 -7.35
CA ALA A 635 13.23 -2.65 -8.42
C ALA A 635 12.53 -1.46 -9.07
N ARG A 636 11.20 -1.43 -9.08
CA ARG A 636 10.50 -0.25 -9.55
C ARG A 636 10.40 0.84 -8.48
N LEU A 637 10.39 0.45 -7.20
CA LEU A 637 10.38 1.44 -6.13
C LEU A 637 11.74 2.09 -5.93
N HIS A 638 12.80 1.28 -5.84
CA HIS A 638 14.15 1.75 -5.63
C HIS A 638 14.96 1.53 -6.91
N GLY A 639 15.48 2.61 -7.46
CA GLY A 639 16.16 2.51 -8.75
C GLY A 639 17.53 1.87 -8.64
N SER A 640 18.39 2.41 -7.78
CA SER A 640 19.72 1.87 -7.55
C SER A 640 19.90 1.50 -6.09
N SER A 641 20.76 0.50 -5.84
CA SER A 641 20.98 -0.06 -4.51
C SER A 641 19.66 -0.53 -3.90
N ILE A 642 18.96 -1.38 -4.65
CA ILE A 642 17.54 -1.62 -4.44
C ILE A 642 17.27 -2.17 -3.04
N LEU A 643 17.97 -3.25 -2.69
CA LEU A 643 17.75 -3.89 -1.40
C LEU A 643 18.24 -3.02 -0.26
N GLU A 644 19.38 -2.36 -0.41
CA GLU A 644 19.90 -1.53 0.67
C GLU A 644 19.00 -0.34 0.98
N ARG A 645 18.41 0.26 -0.05
CA ARG A 645 17.37 1.26 0.15
C ARG A 645 16.13 0.67 0.82
N HIS A 646 15.75 -0.56 0.45
CA HIS A 646 14.64 -1.22 1.13
C HIS A 646 14.94 -1.44 2.62
N HIS A 647 16.15 -1.89 2.93
CA HIS A 647 16.53 -2.14 4.33
C HIS A 647 16.57 -0.85 5.14
N LEU A 648 17.02 0.25 4.53
CA LEU A 648 16.96 1.55 5.19
C LEU A 648 15.54 2.00 5.43
N GLU A 649 14.68 1.91 4.41
CA GLU A 649 13.29 2.32 4.55
C GLU A 649 12.57 1.52 5.64
N TYR A 650 12.82 0.22 5.69
CA TYR A 650 12.17 -0.61 6.70
C TYR A 650 12.71 -0.36 8.10
N SER A 651 14.02 -0.15 8.25
CA SER A 651 14.57 0.19 9.55
C SER A 651 14.07 1.54 10.06
N LYS A 652 13.95 2.52 9.17
CA LYS A 652 13.33 3.80 9.55
C LYS A 652 11.86 3.62 9.94
N THR A 653 11.13 2.76 9.21
CA THR A 653 9.75 2.49 9.57
C THR A 653 9.63 1.85 10.96
N LEU A 654 10.56 0.94 11.29
CA LEU A 654 10.61 0.41 12.65
C LEU A 654 10.92 1.48 13.68
N LEU A 655 11.83 2.41 13.37
CA LEU A 655 12.13 3.50 14.31
C LEU A 655 11.03 4.54 14.41
N GLN A 656 10.11 4.61 13.44
CA GLN A 656 9.04 5.60 13.51
C GLN A 656 8.06 5.33 14.65
N ASP A 657 7.81 4.06 14.97
CA ASP A 657 6.90 3.73 16.05
C ASP A 657 7.50 4.09 17.40
N GLU A 658 6.76 4.90 18.18
CA GLU A 658 7.24 5.31 19.51
C GLU A 658 7.42 4.11 20.42
N SER A 659 6.61 3.07 20.25
CA SER A 659 6.77 1.84 21.01
C SER A 659 8.10 1.15 20.75
N LEU A 660 8.76 1.43 19.63
CA LEU A 660 10.05 0.83 19.31
C LEU A 660 11.24 1.78 19.35
N ASN A 661 10.99 3.09 19.39
CA ASN A 661 12.04 4.08 19.12
C ASN A 661 13.02 4.14 20.29
N ILE A 662 14.22 3.59 20.10
CA ILE A 662 15.31 3.77 21.06
C ILE A 662 15.83 5.20 21.15
N PHE A 663 15.44 6.07 20.22
CA PHE A 663 15.91 7.45 20.16
C PHE A 663 14.89 8.45 20.71
N GLN A 664 14.03 8.01 21.63
CA GLN A 664 12.99 8.87 22.19
C GLN A 664 13.59 10.13 22.81
N ASN A 665 14.50 9.95 23.77
CA ASN A 665 15.02 11.05 24.58
C ASN A 665 16.21 11.76 23.96
N LEU A 666 16.25 11.87 22.63
CA LEU A 666 17.26 12.65 21.93
C LEU A 666 16.63 13.94 21.44
N ASN A 667 17.47 14.97 21.27
CA ASN A 667 17.04 16.18 20.60
C ASN A 667 16.78 15.94 19.12
N LYS A 668 15.97 16.84 18.53
CA LYS A 668 15.68 16.81 17.10
C LYS A 668 16.94 16.81 16.24
N ARG A 669 17.92 17.67 16.57
CA ARG A 669 19.16 17.70 15.81
C ARG A 669 19.98 16.42 16.00
N GLN A 670 19.91 15.82 17.19
CA GLN A 670 20.54 14.53 17.41
C GLN A 670 19.84 13.42 16.62
N PHE A 671 18.51 13.44 16.59
CA PHE A 671 17.76 12.48 15.78
C PHE A 671 18.06 12.63 14.28
N GLU A 672 18.16 13.88 13.80
CA GLU A 672 18.59 14.11 12.42
C GLU A 672 19.99 13.57 12.15
N THR A 673 20.93 13.77 13.08
CA THR A 673 22.25 13.16 12.95
C THR A 673 22.17 11.63 12.87
N VAL A 674 21.40 11.03 13.77
CA VAL A 674 21.27 9.57 13.78
C VAL A 674 20.66 9.04 12.49
N ILE A 675 19.64 9.74 11.98
CA ILE A 675 19.05 9.34 10.69
C ILE A 675 20.04 9.50 9.54
N HIS A 676 20.84 10.57 9.56
CA HIS A 676 21.89 10.72 8.55
C HIS A 676 22.89 9.58 8.61
N LEU A 677 23.23 9.11 9.81
CA LEU A 677 24.22 8.05 9.89
C LEU A 677 23.60 6.70 9.67
N PHE A 678 22.29 6.60 9.83
CA PHE A 678 21.57 5.40 9.42
C PHE A 678 21.62 5.24 7.91
N GLU A 679 21.36 6.33 7.18
CA GLU A 679 21.46 6.22 5.72
C GLU A 679 22.90 5.96 5.29
N VAL A 680 23.86 6.63 5.92
CA VAL A 680 25.27 6.49 5.54
C VAL A 680 25.73 5.05 5.75
N ALA A 681 25.25 4.41 6.80
CA ALA A 681 25.70 3.05 7.07
C ALA A 681 24.90 1.99 6.32
N ILE A 682 23.62 2.23 6.02
CA ILE A 682 22.88 1.18 5.33
C ILE A 682 23.12 1.20 3.82
N ILE A 683 23.21 2.39 3.20
CA ILE A 683 23.42 2.39 1.74
C ILE A 683 24.87 2.12 1.41
N ALA A 684 25.75 2.13 2.41
CA ALA A 684 27.16 1.75 2.25
C ALA A 684 27.36 0.29 1.87
N THR A 685 26.46 -0.60 2.31
CA THR A 685 26.66 -2.03 2.19
C THR A 685 26.61 -2.59 0.76
N ASP A 686 26.10 -1.88 -0.24
CA ASP A 686 26.20 -2.40 -1.60
C ASP A 686 27.67 -2.47 -2.00
N LEU A 687 28.08 -3.59 -2.58
CA LEU A 687 29.49 -3.77 -2.91
C LEU A 687 29.97 -2.74 -3.93
N ALA A 688 29.11 -2.41 -4.91
CA ALA A 688 29.48 -1.45 -5.95
C ALA A 688 30.05 -0.18 -5.34
N LEU A 689 29.25 0.53 -4.54
CA LEU A 689 29.67 1.76 -3.85
C LEU A 689 31.04 1.62 -3.19
N TYR A 690 31.27 0.49 -2.51
CA TYR A 690 32.57 0.14 -1.97
C TYR A 690 33.66 0.21 -3.03
N PHE A 691 33.46 -0.52 -4.13
CA PHE A 691 34.42 -0.51 -5.23
C PHE A 691 34.69 0.90 -5.73
N LYS A 692 33.63 1.70 -5.87
CA LYS A 692 33.77 3.09 -6.30
C LYS A 692 34.56 3.96 -5.32
N LYS A 693 34.48 3.69 -4.00
CA LYS A 693 35.07 4.61 -3.03
C LYS A 693 36.33 4.07 -2.36
N ARG A 694 36.80 2.89 -2.80
CA ARG A 694 38.07 2.36 -2.34
C ARG A 694 39.19 3.39 -2.49
N THR A 695 39.20 4.14 -3.59
CA THR A 695 40.27 5.11 -3.83
C THR A 695 40.30 6.17 -2.73
N MET A 696 39.12 6.72 -2.39
CA MET A 696 39.06 7.78 -1.39
C MET A 696 39.50 7.28 -0.03
N PHE A 697 39.03 6.08 0.35
CA PHE A 697 39.49 5.51 1.62
C PHE A 697 40.99 5.24 1.64
N GLN A 698 41.53 4.75 0.52
CA GLN A 698 42.98 4.55 0.41
C GLN A 698 43.75 5.85 0.56
N LYS A 699 43.27 6.93 -0.06
CA LYS A 699 43.93 8.22 0.10
C LYS A 699 43.89 8.71 1.54
N ILE A 700 42.78 8.48 2.24
CA ILE A 700 42.73 8.84 3.66
C ILE A 700 43.74 8.04 4.47
N VAL A 701 43.78 6.72 4.27
CA VAL A 701 44.70 5.88 5.05
C VAL A 701 46.16 6.20 4.74
N ASP A 702 46.49 6.39 3.45
CA ASP A 702 47.85 6.80 3.08
C ASP A 702 48.24 8.14 3.67
N ALA A 703 47.33 9.11 3.69
CA ALA A 703 47.65 10.38 4.34
C ALA A 703 47.84 10.23 5.85
N CYS A 704 47.02 9.40 6.50
CA CYS A 704 47.17 9.21 7.94
C CYS A 704 48.37 8.35 8.33
N GLU A 705 48.90 7.52 7.44
CA GLU A 705 50.05 6.70 7.79
C GLU A 705 51.31 7.53 8.00
N GLN A 706 51.43 8.68 7.33
CA GLN A 706 52.60 9.52 7.46
C GLN A 706 52.59 10.36 8.74
N MET A 707 51.46 10.41 9.44
CA MET A 707 51.34 11.26 10.62
C MET A 707 52.18 10.73 11.77
N GLN A 708 52.94 11.63 12.40
CA GLN A 708 53.91 11.23 13.42
C GLN A 708 53.25 10.79 14.72
N THR A 709 52.11 11.37 15.09
CA THR A 709 51.49 11.11 16.38
C THR A 709 50.01 10.77 16.22
N GLU A 710 49.51 9.99 17.18
CA GLU A 710 48.10 9.58 17.18
C GLU A 710 47.17 10.78 17.26
N GLU A 711 47.50 11.77 18.08
CA GLU A 711 46.61 12.91 18.28
C GLU A 711 46.40 13.70 16.98
N GLU A 712 47.47 13.86 16.20
CA GLU A 712 47.34 14.51 14.90
C GLU A 712 46.39 13.78 13.97
N ALA A 713 46.56 12.45 13.85
CA ALA A 713 45.66 11.66 13.01
C ALA A 713 44.21 11.73 13.48
N ILE A 714 43.98 11.65 14.79
CA ILE A 714 42.62 11.77 15.32
C ILE A 714 42.02 13.14 15.02
N LYS A 715 42.77 14.21 15.26
CA LYS A 715 42.27 15.55 14.97
C LYS A 715 42.01 15.74 13.48
N TYR A 716 42.94 15.28 12.63
CA TYR A 716 42.80 15.39 11.19
C TYR A 716 41.57 14.65 10.66
N VAL A 717 41.25 13.49 11.24
CA VAL A 717 40.02 12.80 10.86
C VAL A 717 38.79 13.52 11.40
N THR A 718 38.78 13.86 12.69
CA THR A 718 37.57 14.37 13.33
C THR A 718 37.22 15.80 12.95
N VAL A 719 38.17 16.56 12.39
CA VAL A 719 37.83 17.90 11.90
C VAL A 719 36.82 17.81 10.75
N ASP A 720 37.09 16.93 9.77
CA ASP A 720 36.21 16.92 8.61
C ASP A 720 35.16 15.81 8.73
N PRO A 721 33.88 16.16 8.62
CA PRO A 721 32.82 15.12 8.60
C PRO A 721 32.95 14.07 7.51
N THR A 722 33.37 14.48 6.31
CA THR A 722 33.41 13.55 5.17
C THR A 722 34.38 12.39 5.40
N LYS A 723 35.58 12.68 5.92
CA LYS A 723 36.55 11.62 6.20
C LYS A 723 35.98 10.60 7.18
N LYS A 724 35.25 11.08 8.18
CA LYS A 724 34.50 10.21 9.08
C LYS A 724 33.47 9.36 8.35
N GLU A 725 32.70 9.98 7.44
CA GLU A 725 31.73 9.21 6.65
C GLU A 725 32.39 8.14 5.78
N ILE A 726 33.54 8.43 5.19
CA ILE A 726 34.24 7.42 4.39
C ILE A 726 34.71 6.26 5.27
N ILE A 727 35.29 6.58 6.42
CA ILE A 727 35.71 5.52 7.34
C ILE A 727 34.52 4.69 7.79
N MET A 728 33.38 5.35 8.05
CA MET A 728 32.16 4.63 8.41
C MET A 728 31.68 3.70 7.30
N ALA A 729 31.62 4.18 6.07
CA ALA A 729 31.17 3.35 4.96
C ALA A 729 32.08 2.13 4.75
N MET A 730 33.39 2.33 4.86
CA MET A 730 34.29 1.18 4.72
C MET A 730 34.25 0.26 5.94
N MET A 731 33.92 0.79 7.12
CA MET A 731 33.63 -0.08 8.26
C MET A 731 32.40 -0.94 8.02
N MET A 732 31.34 -0.35 7.44
CA MET A 732 30.15 -1.13 7.14
C MET A 732 30.39 -2.20 6.08
N THR A 733 31.14 -1.86 5.03
CA THR A 733 31.51 -2.87 4.03
C THR A 733 32.41 -3.97 4.60
N ALA A 734 33.41 -3.60 5.40
CA ALA A 734 34.27 -4.61 6.02
C ALA A 734 33.52 -5.51 7.00
N CYS A 735 32.50 -4.98 7.69
CA CYS A 735 31.62 -5.84 8.46
C CYS A 735 30.75 -6.73 7.58
N ASP A 736 30.29 -6.22 6.43
CA ASP A 736 29.43 -7.00 5.56
C ASP A 736 30.15 -8.22 4.99
N LEU A 737 31.44 -8.10 4.69
CA LEU A 737 32.25 -9.19 4.16
C LEU A 737 32.99 -9.98 5.23
N SER A 738 32.71 -9.71 6.51
CA SER A 738 33.53 -10.20 7.62
C SER A 738 33.67 -11.72 7.66
N ALA A 739 32.69 -12.44 7.09
CA ALA A 739 32.77 -13.90 7.03
C ALA A 739 34.05 -14.40 6.36
N ILE A 740 34.60 -13.66 5.41
CA ILE A 740 35.88 -14.04 4.81
C ILE A 740 37.00 -14.10 5.84
N THR A 741 36.94 -13.24 6.86
CA THR A 741 37.97 -13.17 7.88
C THR A 741 37.76 -14.15 9.04
N LYS A 742 36.63 -14.82 9.09
CA LYS A 742 36.38 -15.82 10.12
C LYS A 742 37.26 -17.05 9.89
N PRO A 743 37.54 -17.80 10.96
CA PRO A 743 38.32 -19.05 10.82
C PRO A 743 37.70 -20.03 9.83
N TRP A 744 38.54 -20.98 9.39
CA TRP A 744 38.20 -21.86 8.27
C TRP A 744 36.89 -22.62 8.47
N GLU A 745 36.63 -23.14 9.67
CA GLU A 745 35.37 -23.84 9.90
C GLU A 745 34.16 -22.96 9.58
N VAL A 746 34.18 -21.74 10.14
CA VAL A 746 33.12 -20.76 9.86
C VAL A 746 33.10 -20.38 8.38
N GLN A 747 34.27 -20.05 7.82
CA GLN A 747 34.28 -19.62 6.42
C GLN A 747 33.77 -20.73 5.51
N SER A 748 34.17 -21.97 5.76
CA SER A 748 33.73 -23.15 5.03
C SER A 748 32.22 -23.21 5.01
N GLN A 749 31.61 -23.38 6.19
CA GLN A 749 30.15 -23.50 6.24
C GLN A 749 29.48 -22.29 5.61
N VAL A 750 29.86 -21.07 6.04
CA VAL A 750 29.19 -19.85 5.57
C VAL A 750 29.30 -19.70 4.05
N ALA A 751 30.42 -20.15 3.47
CA ALA A 751 30.58 -20.14 2.02
C ALA A 751 29.68 -21.15 1.35
N LEU A 752 29.49 -22.31 1.97
CA LEU A 752 28.50 -23.26 1.44
C LEU A 752 27.10 -22.68 1.50
N MET A 753 26.76 -21.97 2.58
CA MET A 753 25.47 -21.29 2.66
C MET A 753 25.29 -20.22 1.59
N VAL A 754 26.33 -19.41 1.36
CA VAL A 754 26.27 -18.39 0.31
C VAL A 754 26.12 -19.03 -1.06
N ALA A 755 26.87 -20.10 -1.31
CA ALA A 755 26.77 -20.81 -2.58
C ALA A 755 25.39 -21.42 -2.77
N ASN A 756 24.81 -22.01 -1.72
CA ASN A 756 23.46 -22.55 -1.81
C ASN A 756 22.43 -21.47 -2.11
N GLU A 757 22.51 -20.33 -1.42
CA GLU A 757 21.61 -19.22 -1.73
C GLU A 757 21.76 -18.74 -3.17
N PHE A 758 23.00 -18.64 -3.66
CA PHE A 758 23.20 -18.24 -5.05
C PHE A 758 22.72 -19.29 -6.04
N TRP A 759 22.82 -20.57 -5.68
CA TRP A 759 22.30 -21.64 -6.54
C TRP A 759 20.78 -21.64 -6.59
N GLU A 760 20.12 -21.39 -5.45
CA GLU A 760 18.66 -21.25 -5.45
C GLU A 760 18.20 -20.02 -6.23
N GLN A 761 18.91 -18.89 -6.08
CA GLN A 761 18.66 -17.72 -6.90
C GLN A 761 18.81 -18.02 -8.39
N GLY A 762 19.83 -18.79 -8.76
CA GLY A 762 20.04 -19.10 -10.16
C GLY A 762 19.09 -20.16 -10.70
N ASP A 763 18.62 -21.06 -9.83
CA ASP A 763 17.50 -21.94 -10.19
C ASP A 763 16.22 -21.17 -10.44
N LEU A 764 15.96 -20.12 -9.66
CA LEU A 764 14.83 -19.24 -9.94
C LEU A 764 15.00 -18.52 -11.28
N GLU A 765 16.21 -18.01 -11.53
CA GLU A 765 16.50 -17.37 -12.82
C GLU A 765 16.31 -18.32 -14.00
N ARG A 766 16.76 -19.56 -13.86
CA ARG A 766 16.61 -20.55 -14.93
C ARG A 766 15.16 -20.97 -15.13
N THR A 767 14.42 -21.18 -14.05
CA THR A 767 13.05 -21.68 -14.15
C THR A 767 12.06 -20.60 -14.62
N VAL A 768 12.16 -19.40 -14.08
CA VAL A 768 11.16 -18.37 -14.34
C VAL A 768 11.54 -17.48 -15.51
N LEU A 769 12.79 -16.99 -15.52
CA LEU A 769 13.22 -16.08 -16.56
C LEU A 769 13.68 -16.78 -17.83
N GLN A 770 13.86 -18.10 -17.79
CA GLN A 770 14.32 -18.88 -18.94
C GLN A 770 15.70 -18.44 -19.43
N GLN A 771 16.55 -17.99 -18.50
CA GLN A 771 17.90 -17.55 -18.81
C GLN A 771 18.91 -18.55 -18.28
N GLN A 772 20.01 -18.71 -19.01
CA GLN A 772 21.14 -19.44 -18.47
C GLN A 772 21.83 -18.63 -17.38
N PRO A 773 21.92 -19.14 -16.16
CA PRO A 773 22.59 -18.39 -15.09
C PRO A 773 24.10 -18.29 -15.28
N ILE A 774 24.67 -17.31 -14.58
CA ILE A 774 26.11 -17.20 -14.43
C ILE A 774 26.64 -18.46 -13.76
N PRO A 775 27.83 -18.97 -14.12
CA PRO A 775 28.36 -20.18 -13.47
C PRO A 775 28.47 -20.09 -11.95
N MET A 776 28.50 -18.89 -11.37
CA MET A 776 28.40 -18.77 -9.92
C MET A 776 27.02 -19.21 -9.44
N MET A 777 25.98 -18.95 -10.22
CA MET A 777 24.60 -19.29 -9.89
C MET A 777 24.12 -20.59 -10.53
N ASP A 778 25.00 -21.32 -11.20
CA ASP A 778 24.66 -22.61 -11.79
C ASP A 778 25.07 -23.73 -10.85
N ARG A 779 24.09 -24.58 -10.50
CA ARG A 779 24.37 -25.74 -9.66
C ARG A 779 25.37 -26.70 -10.29
N ASN A 780 25.37 -26.79 -11.62
CA ASN A 780 26.26 -27.72 -12.32
C ASN A 780 27.72 -27.34 -12.18
N LYS A 781 28.00 -26.08 -11.85
CA LYS A 781 29.35 -25.62 -11.56
C LYS A 781 29.65 -25.64 -10.06
N ARG A 782 28.97 -26.50 -9.30
CA ARG A 782 29.31 -26.70 -7.89
C ARG A 782 30.80 -26.96 -7.70
N ASP A 783 31.38 -27.82 -8.55
CA ASP A 783 32.80 -28.14 -8.43
C ASP A 783 33.68 -26.95 -8.74
N GLU A 784 33.16 -25.93 -9.43
CA GLU A 784 33.89 -24.70 -9.68
C GLU A 784 33.88 -23.74 -8.50
N LEU A 785 33.07 -24.00 -7.48
CA LEU A 785 32.95 -23.09 -6.34
C LEU A 785 34.27 -22.71 -5.67
N PRO A 786 35.18 -23.63 -5.32
CA PRO A 786 36.36 -23.21 -4.55
C PRO A 786 37.28 -22.23 -5.27
N LYS A 787 37.57 -22.46 -6.56
CA LYS A 787 38.48 -21.56 -7.27
C LYS A 787 37.83 -20.20 -7.49
N LEU A 788 36.52 -20.18 -7.75
CA LEU A 788 35.80 -18.92 -7.80
C LEU A 788 35.88 -18.20 -6.47
N GLN A 789 35.82 -18.94 -5.37
CA GLN A 789 35.94 -18.30 -4.06
C GLN A 789 37.31 -17.66 -3.89
N VAL A 790 38.35 -18.30 -4.45
CA VAL A 790 39.68 -17.67 -4.45
C VAL A 790 39.62 -16.33 -5.16
N GLY A 791 38.98 -16.29 -6.33
CA GLY A 791 38.82 -15.04 -7.04
C GLY A 791 38.06 -13.99 -6.27
N PHE A 792 37.13 -14.42 -5.41
CA PHE A 792 36.45 -13.46 -4.55
C PHE A 792 37.41 -12.83 -3.53
N ILE A 793 38.32 -13.63 -2.99
CA ILE A 793 39.20 -13.14 -1.92
C ILE A 793 40.17 -12.07 -2.43
N ASP A 794 40.89 -12.37 -3.52
CA ASP A 794 41.93 -11.43 -3.95
C ASP A 794 41.39 -10.25 -4.76
N PHE A 795 40.13 -10.27 -5.16
CA PHE A 795 39.57 -9.13 -5.88
C PHE A 795 38.89 -8.12 -4.96
N VAL A 796 38.04 -8.58 -4.04
CA VAL A 796 37.15 -7.69 -3.30
C VAL A 796 37.69 -7.36 -1.91
N CYS A 797 37.77 -8.37 -1.04
CA CYS A 797 37.93 -8.13 0.40
C CYS A 797 39.34 -7.67 0.76
N THR A 798 40.36 -8.29 0.13
CA THR A 798 41.75 -8.07 0.53
C THR A 798 42.14 -6.60 0.49
N PHE A 799 41.55 -5.79 -0.38
CA PHE A 799 41.85 -4.36 -0.38
C PHE A 799 41.41 -3.69 0.92
N VAL A 800 40.14 -3.84 1.26
CA VAL A 800 39.62 -3.14 2.44
C VAL A 800 40.31 -3.63 3.70
N TYR A 801 40.56 -4.94 3.80
CA TYR A 801 41.25 -5.43 5.00
C TYR A 801 42.73 -5.05 5.03
N LYS A 802 43.40 -4.91 3.89
CA LYS A 802 44.77 -4.38 3.92
C LYS A 802 44.79 -2.91 4.32
N GLU A 803 43.83 -2.13 3.83
CA GLU A 803 43.80 -0.71 4.18
C GLU A 803 43.46 -0.50 5.65
N PHE A 804 42.53 -1.28 6.20
CA PHE A 804 42.28 -1.23 7.64
C PHE A 804 43.43 -1.77 8.48
N SER A 805 44.11 -2.82 8.03
CA SER A 805 45.27 -3.30 8.78
C SER A 805 46.43 -2.32 8.77
N ARG A 806 46.59 -1.56 7.68
CA ARG A 806 47.51 -0.43 7.71
C ARG A 806 47.01 0.70 8.60
N PHE A 807 45.71 0.97 8.58
CA PHE A 807 45.16 2.08 9.36
C PHE A 807 45.26 1.82 10.86
N HIS A 808 44.87 0.63 11.31
CA HIS A 808 44.98 0.27 12.72
C HIS A 808 45.64 -1.09 12.86
N LYS A 809 46.66 -1.15 13.71
CA LYS A 809 47.37 -2.40 13.96
C LYS A 809 46.48 -3.44 14.64
N GLU A 810 45.52 -3.01 15.45
CA GLU A 810 44.62 -3.96 16.11
C GLU A 810 43.71 -4.70 15.14
N ILE A 811 43.59 -4.24 13.90
CA ILE A 811 42.83 -4.97 12.89
C ILE A 811 43.72 -5.90 12.08
N THR A 812 45.02 -5.93 12.38
CA THR A 812 45.95 -6.88 11.77
C THR A 812 45.50 -8.34 11.78
N PRO A 813 44.98 -8.92 12.87
CA PRO A 813 44.57 -10.33 12.81
C PRO A 813 43.41 -10.60 11.87
N MET A 814 42.57 -9.61 11.58
CA MET A 814 41.41 -9.85 10.73
C MET A 814 41.81 -10.19 9.31
N LEU A 815 42.70 -9.37 8.74
CA LEU A 815 43.32 -9.72 7.46
C LEU A 815 44.06 -11.04 7.54
N SER A 816 44.69 -11.33 8.67
CA SER A 816 45.44 -12.58 8.77
C SER A 816 44.52 -13.77 8.58
N GLY A 817 43.30 -13.70 9.11
CA GLY A 817 42.36 -14.77 8.88
C GLY A 817 41.96 -14.89 7.43
N LEU A 818 41.77 -13.75 6.76
CA LEU A 818 41.51 -13.78 5.32
C LEU A 818 42.62 -14.49 4.58
N GLN A 819 43.88 -14.22 4.94
CA GLN A 819 44.96 -14.86 4.21
C GLN A 819 44.92 -16.37 4.42
N ASN A 820 44.67 -16.80 5.66
CA ASN A 820 44.54 -18.24 5.91
C ASN A 820 43.45 -18.84 5.04
N ASN A 821 42.30 -18.18 4.98
CA ASN A 821 41.20 -18.72 4.19
C ASN A 821 41.56 -18.81 2.71
N ARG A 822 42.31 -17.81 2.21
CA ARG A 822 42.76 -17.87 0.83
C ARG A 822 43.59 -19.12 0.56
N VAL A 823 44.48 -19.47 1.48
CA VAL A 823 45.29 -20.66 1.26
C VAL A 823 44.43 -21.91 1.21
N GLU A 824 43.46 -22.03 2.13
CA GLU A 824 42.60 -23.21 2.15
C GLU A 824 41.82 -23.41 0.85
N TRP A 825 41.12 -22.37 0.40
CA TRP A 825 40.40 -22.49 -0.86
C TRP A 825 41.34 -22.75 -2.04
N LYS A 826 42.56 -22.21 -1.98
CA LYS A 826 43.49 -22.47 -3.08
C LYS A 826 43.84 -23.94 -3.16
N SER A 827 44.03 -24.60 -2.01
CA SER A 827 44.33 -26.01 -2.04
C SER A 827 43.19 -26.81 -2.65
N LEU A 828 41.96 -26.44 -2.31
CA LEU A 828 40.81 -27.13 -2.89
C LEU A 828 40.72 -26.90 -4.39
N ALA A 829 41.06 -25.70 -4.86
CA ALA A 829 41.07 -25.48 -6.29
C ALA A 829 42.11 -26.34 -6.99
N ASP A 830 43.26 -26.54 -6.36
CA ASP A 830 44.23 -27.43 -6.98
C ASP A 830 43.75 -28.87 -7.02
N GLU A 831 42.98 -29.30 -6.02
CA GLU A 831 42.40 -30.64 -6.12
C GLU A 831 41.40 -30.73 -7.26
N TYR A 832 40.65 -29.66 -7.49
CA TYR A 832 39.77 -29.66 -8.66
C TYR A 832 40.59 -29.67 -9.94
N ASP A 833 41.72 -28.97 -9.95
CA ASP A 833 42.60 -29.03 -11.11
C ASP A 833 43.10 -30.45 -11.34
N ALA A 834 43.39 -31.19 -10.26
CA ALA A 834 43.76 -32.59 -10.42
C ALA A 834 42.61 -33.39 -11.02
N LYS A 835 41.38 -33.05 -10.66
CA LYS A 835 40.24 -33.74 -11.28
C LYS A 835 40.16 -33.41 -12.76
N MET A 836 40.43 -32.15 -13.12
CA MET A 836 40.50 -31.82 -14.54
C MET A 836 41.79 -32.33 -15.17
N LYS A 837 42.81 -32.68 -14.37
CA LYS A 837 44.06 -33.13 -14.96
C LYS A 837 43.97 -34.57 -15.48
N VAL A 838 43.14 -35.40 -14.86
CA VAL A 838 42.97 -36.78 -15.31
C VAL A 838 41.90 -36.85 -16.40
N TYR B 244 -7.73 36.61 -37.37
CA TYR B 244 -6.43 36.28 -36.81
C TYR B 244 -6.54 35.97 -35.32
N MET B 245 -7.02 36.96 -34.56
CA MET B 245 -7.21 36.77 -33.11
C MET B 245 -8.16 35.62 -32.82
N TYR B 246 -9.22 35.48 -33.62
CA TYR B 246 -10.06 34.29 -33.54
C TYR B 246 -9.27 33.03 -33.84
N ASN B 247 -8.41 33.07 -34.86
CA ASN B 247 -7.55 31.92 -35.15
C ASN B 247 -6.53 31.67 -34.05
N ILE B 248 -6.04 32.73 -33.40
CA ILE B 248 -5.14 32.59 -32.26
C ILE B 248 -5.83 31.86 -31.11
N GLU B 249 -7.03 32.32 -30.74
CA GLU B 249 -7.74 31.64 -29.66
C GLU B 249 -8.24 30.27 -30.04
N SER B 250 -8.61 30.04 -31.30
CA SER B 250 -8.96 28.68 -31.70
C SER B 250 -7.76 27.75 -31.60
N ARG B 251 -6.57 28.21 -31.99
CA ARG B 251 -5.37 27.43 -31.73
C ARG B 251 -5.15 27.18 -30.25
N ARG B 252 -5.20 28.23 -29.43
CA ARG B 252 -5.01 28.07 -27.98
C ARG B 252 -5.99 27.08 -27.36
N SER B 253 -7.28 27.27 -27.59
CA SER B 253 -8.30 26.38 -27.05
C SER B 253 -8.18 24.95 -27.56
N GLN B 254 -7.87 24.77 -28.85
CA GLN B 254 -7.61 23.42 -29.36
C GLN B 254 -6.40 22.78 -28.70
N ILE B 255 -5.32 23.55 -28.52
CA ILE B 255 -4.13 23.05 -27.83
C ILE B 255 -4.48 22.57 -26.44
N LEU B 256 -5.19 23.42 -25.67
CA LEU B 256 -5.62 23.04 -24.33
C LEU B 256 -6.47 21.78 -24.34
N MET B 257 -7.41 21.69 -25.27
CA MET B 257 -8.35 20.58 -25.27
C MET B 257 -7.67 19.26 -25.63
N TRP B 258 -6.78 19.27 -26.62
CA TRP B 258 -6.11 18.02 -27.00
C TRP B 258 -5.00 17.61 -26.04
N SER B 259 -4.30 18.58 -25.44
CA SER B 259 -3.40 18.25 -24.33
C SER B 259 -4.16 17.68 -23.15
N ALA B 260 -5.32 18.26 -22.83
CA ALA B 260 -6.18 17.70 -21.80
C ALA B 260 -6.63 16.28 -22.15
N ASN B 261 -7.10 16.08 -23.38
CA ASN B 261 -7.53 14.75 -23.80
C ASN B 261 -6.44 13.71 -23.65
N LYS B 262 -5.21 14.08 -24.00
CA LYS B 262 -4.13 13.10 -23.94
C LYS B 262 -3.49 12.95 -22.56
N VAL B 263 -3.58 13.95 -21.68
CA VAL B 263 -3.24 13.71 -20.28
C VAL B 263 -4.34 12.91 -19.56
N PHE B 264 -5.61 13.07 -19.94
CA PHE B 264 -6.71 12.31 -19.35
C PHE B 264 -6.99 10.99 -20.06
N GLU B 265 -6.26 10.68 -21.12
CA GLU B 265 -6.36 9.36 -21.73
C GLU B 265 -5.79 8.29 -20.80
N GLU B 266 -4.63 8.54 -20.21
CA GLU B 266 -3.96 7.56 -19.37
C GLU B 266 -2.96 8.31 -18.51
N LEU B 267 -2.92 7.98 -17.21
CA LEU B 267 -1.93 8.54 -16.31
C LEU B 267 -0.56 7.96 -16.64
N THR B 268 0.31 8.77 -17.24
CA THR B 268 1.64 8.34 -17.65
C THR B 268 2.69 9.32 -17.14
N ASP B 269 3.95 8.95 -17.33
CA ASP B 269 5.10 9.77 -16.94
C ASP B 269 5.18 11.08 -17.73
N VAL B 270 6.03 11.98 -17.22
CA VAL B 270 6.27 13.29 -17.84
C VAL B 270 6.65 13.15 -19.30
N GLU B 271 7.58 12.24 -19.59
CA GLU B 271 8.02 12.02 -20.96
C GLU B 271 6.87 11.57 -21.83
N ARG B 272 6.09 10.60 -21.34
CA ARG B 272 4.98 10.07 -22.11
C ARG B 272 3.86 11.10 -22.25
N GLN B 273 3.56 11.85 -21.18
CA GLN B 273 2.52 12.88 -21.26
C GLN B 273 2.87 14.01 -22.21
N PHE B 274 4.11 14.53 -22.14
CA PHE B 274 4.51 15.54 -23.12
C PHE B 274 4.65 14.99 -24.52
N HIS B 275 5.06 13.73 -24.69
CA HIS B 275 5.06 13.13 -26.01
C HIS B 275 3.65 13.07 -26.59
N LYS B 276 2.69 12.56 -25.82
CA LYS B 276 1.30 12.51 -26.26
C LYS B 276 0.74 13.90 -26.55
N ALA B 277 0.94 14.85 -25.63
CA ALA B 277 0.41 16.20 -25.83
C ALA B 277 1.03 16.90 -27.03
N LEU B 278 2.37 17.00 -27.05
CA LEU B 278 3.05 17.69 -28.15
C LEU B 278 2.80 17.03 -29.49
N TYR B 279 2.87 15.70 -29.57
CA TYR B 279 2.61 15.00 -30.81
C TYR B 279 1.15 15.07 -31.22
N THR B 280 0.22 15.15 -30.27
CA THR B 280 -1.19 15.31 -30.60
C THR B 280 -1.52 16.73 -31.02
N VAL B 281 -0.77 17.71 -30.50
CA VAL B 281 -0.94 19.11 -30.86
C VAL B 281 0.06 19.51 -31.95
N ARG B 282 0.69 18.53 -32.60
CA ARG B 282 1.72 18.80 -33.59
C ARG B 282 1.23 19.73 -34.69
N SER B 283 -0.02 19.59 -35.11
CA SER B 283 -0.58 20.47 -36.13
C SER B 283 -0.83 21.88 -35.61
N TYR B 284 -1.33 22.01 -34.38
CA TYR B 284 -1.63 23.32 -33.81
C TYR B 284 -0.41 24.08 -33.30
N LEU B 285 0.77 23.46 -33.20
CA LEU B 285 1.96 24.25 -32.95
C LEU B 285 2.31 25.13 -34.15
N ASN B 286 2.23 24.56 -35.35
CA ASN B 286 2.54 25.26 -36.61
C ASN B 286 3.98 25.80 -36.58
N CYS B 287 4.92 24.94 -36.20
CA CYS B 287 6.34 25.19 -36.32
C CYS B 287 6.97 24.22 -37.31
N GLU B 288 8.08 24.64 -37.93
CA GLU B 288 8.78 23.75 -38.85
C GLU B 288 9.45 22.60 -38.10
N ARG B 289 9.92 22.86 -36.88
CA ARG B 289 10.50 21.85 -36.01
C ARG B 289 10.44 22.38 -34.59
N TYR B 290 10.38 21.48 -33.62
CA TYR B 290 10.64 21.84 -32.25
C TYR B 290 11.14 20.63 -31.48
N SER B 291 11.76 20.89 -30.33
CA SER B 291 12.28 19.84 -29.47
C SER B 291 11.97 20.18 -28.01
N ILE B 292 12.05 19.18 -27.14
CA ILE B 292 11.86 19.39 -25.72
C ILE B 292 12.93 18.62 -24.96
N GLY B 293 13.60 19.28 -24.03
CA GLY B 293 14.58 18.62 -23.19
C GLY B 293 14.22 18.67 -21.72
N LEU B 294 14.11 17.53 -21.07
CA LEU B 294 13.78 17.48 -19.65
C LEU B 294 15.04 17.46 -18.80
N LEU B 295 15.06 18.28 -17.75
CA LEU B 295 16.18 18.36 -16.82
C LEU B 295 16.06 17.26 -15.76
N ASP B 296 17.21 16.78 -15.31
CA ASP B 296 17.25 15.85 -14.19
C ASP B 296 16.72 16.53 -12.93
N MET B 297 15.88 15.80 -12.19
CA MET B 297 15.19 16.30 -11.02
C MET B 297 15.94 16.11 -9.71
N THR B 298 17.11 15.47 -9.73
CA THR B 298 17.89 15.31 -8.50
C THR B 298 18.34 16.63 -7.92
N LYS B 299 17.57 17.15 -6.95
CA LYS B 299 17.93 18.40 -6.29
C LYS B 299 19.11 18.21 -5.34
N GLU B 300 19.16 17.08 -4.65
CA GLU B 300 20.27 16.73 -3.77
C GLU B 300 21.09 15.60 -4.39
N LYS B 301 22.40 15.67 -4.18
CA LYS B 301 23.28 14.56 -4.53
C LYS B 301 23.32 13.54 -3.40
N GLU B 302 23.48 12.27 -3.76
CA GLU B 302 23.78 11.25 -2.77
C GLU B 302 25.13 11.54 -2.11
N PHE B 303 25.22 11.17 -0.83
CA PHE B 303 26.39 11.51 -0.02
C PHE B 303 27.69 10.97 -0.60
N TYR B 304 27.64 9.79 -1.22
CA TYR B 304 28.84 9.24 -1.86
C TYR B 304 29.21 9.99 -3.13
N ASP B 305 28.32 10.78 -3.70
CA ASP B 305 28.67 11.68 -4.78
C ASP B 305 29.01 13.10 -4.31
N GLU B 306 28.76 13.41 -3.04
CA GLU B 306 29.16 14.70 -2.48
C GLU B 306 30.46 14.65 -1.69
N TRP B 307 30.89 13.46 -1.23
CA TRP B 307 32.22 13.32 -0.62
C TRP B 307 33.36 13.92 -1.42
N PRO B 308 33.52 13.66 -2.73
CA PRO B 308 34.67 14.24 -3.45
C PRO B 308 34.69 15.76 -3.46
N ILE B 309 33.52 16.40 -3.45
CA ILE B 309 33.47 17.86 -3.42
C ILE B 309 34.00 18.40 -2.09
N LYS B 310 33.56 17.81 -0.98
CA LYS B 310 34.03 18.27 0.32
C LYS B 310 35.49 17.90 0.58
N LEU B 311 35.94 16.76 0.08
CA LEU B 311 37.35 16.39 0.24
C LEU B 311 38.28 17.21 -0.64
N GLY B 312 37.76 17.93 -1.63
CA GLY B 312 38.61 18.65 -2.56
C GLY B 312 39.30 17.80 -3.60
N GLU B 313 38.94 16.53 -3.70
CA GLU B 313 39.45 15.68 -4.78
C GLU B 313 38.95 16.15 -6.14
N VAL B 314 37.72 16.66 -6.22
CA VAL B 314 37.18 17.24 -7.44
C VAL B 314 36.85 18.70 -7.16
N GLU B 315 37.31 19.58 -8.04
CA GLU B 315 37.03 21.01 -7.92
C GLU B 315 35.52 21.25 -7.91
N PRO B 316 35.05 22.24 -7.14
CA PRO B 316 33.61 22.55 -7.14
C PRO B 316 33.10 22.94 -8.51
N TYR B 317 31.93 22.40 -8.86
CA TYR B 317 31.27 22.73 -10.12
C TYR B 317 30.97 24.22 -10.17
N LYS B 318 31.44 24.88 -11.22
CA LYS B 318 31.17 26.29 -11.48
C LYS B 318 30.56 26.39 -12.86
N GLY B 319 29.63 27.32 -13.04
CA GLY B 319 29.01 27.55 -14.31
C GLY B 319 27.50 27.54 -14.20
N PRO B 320 26.81 26.93 -15.16
CA PRO B 320 25.35 26.97 -15.16
C PRO B 320 24.75 26.25 -13.96
N LYS B 321 23.73 26.87 -13.37
CA LYS B 321 22.92 26.29 -12.32
C LYS B 321 21.51 26.85 -12.39
N THR B 322 20.51 25.99 -12.20
CA THR B 322 19.13 26.42 -12.17
C THR B 322 18.90 27.36 -10.98
N PRO B 323 17.80 28.14 -11.01
CA PRO B 323 17.56 29.07 -9.88
C PRO B 323 17.35 28.36 -8.54
N ASP B 324 16.86 27.12 -8.56
CA ASP B 324 16.79 26.36 -7.32
C ASP B 324 18.18 25.90 -6.88
N GLY B 325 19.08 25.67 -7.82
CA GLY B 325 20.44 25.26 -7.54
C GLY B 325 20.83 23.94 -8.15
N ARG B 326 19.88 23.21 -8.73
CA ARG B 326 20.18 22.01 -9.50
C ARG B 326 21.13 22.31 -10.66
N GLU B 327 21.90 21.29 -11.02
CA GLU B 327 22.75 21.38 -12.21
C GLU B 327 21.90 21.27 -13.47
N VAL B 328 22.32 22.00 -14.51
CA VAL B 328 21.66 21.93 -15.80
C VAL B 328 22.12 20.65 -16.48
N ASN B 329 21.33 19.58 -16.34
CA ASN B 329 21.64 18.26 -16.88
C ASN B 329 20.39 17.74 -17.60
N PHE B 330 20.31 17.96 -18.90
CA PHE B 330 19.22 17.42 -19.71
C PHE B 330 19.37 15.91 -19.82
N TYR B 331 18.46 15.16 -19.21
CA TYR B 331 18.56 13.71 -19.24
C TYR B 331 17.89 13.06 -20.45
N LYS B 332 17.09 13.82 -21.20
CA LYS B 332 16.38 13.27 -22.34
C LYS B 332 15.96 14.41 -23.26
N ILE B 333 16.12 14.23 -24.56
CA ILE B 333 15.50 15.10 -25.57
C ILE B 333 14.56 14.26 -26.43
N ILE B 334 13.40 14.82 -26.76
CA ILE B 334 12.50 14.25 -27.76
C ILE B 334 12.39 15.27 -28.90
N ASP B 335 12.95 14.92 -30.05
CA ASP B 335 12.92 15.79 -31.22
C ASP B 335 11.81 15.39 -32.18
N TYR B 336 10.94 16.34 -32.51
CA TYR B 336 9.89 16.14 -33.50
C TYR B 336 10.23 16.92 -34.76
N ILE B 337 10.56 16.21 -35.83
CA ILE B 337 10.96 16.80 -37.11
C ILE B 337 9.68 16.86 -37.94
N LEU B 338 9.13 18.07 -38.07
CA LEU B 338 7.87 18.32 -38.77
C LEU B 338 8.07 18.96 -40.13
N HIS B 339 9.28 19.34 -40.48
CA HIS B 339 9.51 20.00 -41.77
C HIS B 339 9.50 18.98 -42.90
N GLY B 340 10.03 17.80 -42.68
CA GLY B 340 10.02 16.76 -43.69
C GLY B 340 9.97 15.39 -43.04
N LYS B 341 9.28 14.47 -43.71
CA LYS B 341 9.19 13.05 -43.37
C LYS B 341 8.47 12.77 -42.05
N GLU B 342 8.13 13.82 -41.28
CA GLU B 342 7.39 13.68 -40.02
C GLU B 342 8.10 12.76 -39.03
N GLU B 343 9.42 12.89 -38.94
CA GLU B 343 10.22 12.00 -38.11
C GLU B 343 10.16 12.38 -36.64
N ILE B 344 10.25 11.38 -35.76
CA ILE B 344 10.32 11.61 -34.32
C ILE B 344 11.47 10.76 -33.77
N LYS B 345 12.37 11.38 -33.01
CA LYS B 345 13.44 10.65 -32.35
C LYS B 345 13.47 10.96 -30.87
N VAL B 346 13.97 9.98 -30.10
CA VAL B 346 14.21 10.14 -28.67
C VAL B 346 15.70 9.93 -28.45
N ILE B 347 16.35 10.91 -27.83
CA ILE B 347 17.76 10.84 -27.49
C ILE B 347 17.90 10.88 -25.98
N PRO B 348 18.02 9.73 -25.32
CA PRO B 348 18.41 9.71 -23.91
C PRO B 348 19.83 10.21 -23.71
N THR B 349 20.01 10.98 -22.64
CA THR B 349 21.30 11.56 -22.26
C THR B 349 22.00 12.27 -23.43
N PRO B 350 21.38 13.31 -24.00
CA PRO B 350 21.96 14.00 -25.15
C PRO B 350 23.34 14.55 -24.83
N PRO B 351 24.33 14.34 -25.69
CA PRO B 351 25.63 14.99 -25.50
C PRO B 351 25.53 16.49 -25.76
N ALA B 352 26.55 17.21 -25.29
CA ALA B 352 26.68 18.62 -25.65
C ALA B 352 26.90 18.81 -27.14
N ASP B 353 27.31 17.77 -27.86
CA ASP B 353 27.36 17.82 -29.32
C ASP B 353 25.99 17.89 -29.96
N HIS B 354 24.93 17.52 -29.23
CA HIS B 354 23.58 17.56 -29.79
C HIS B 354 23.21 18.97 -30.20
N TRP B 355 22.69 19.09 -31.43
CA TRP B 355 22.43 20.40 -32.04
C TRP B 355 21.51 21.29 -31.20
N THR B 356 20.63 20.70 -30.39
CA THR B 356 19.82 21.51 -29.50
C THR B 356 20.64 22.07 -28.34
N LEU B 357 21.59 21.30 -27.84
CA LEU B 357 22.45 21.73 -26.73
C LEU B 357 23.75 22.39 -27.18
N ILE B 358 24.03 22.40 -28.49
CA ILE B 358 25.20 23.11 -29.00
C ILE B 358 25.13 24.58 -28.62
N SER B 359 23.96 25.20 -28.81
CA SER B 359 23.75 26.55 -28.30
C SER B 359 23.37 26.51 -26.83
N GLY B 360 23.89 27.49 -26.08
CA GLY B 360 23.63 27.60 -24.65
C GLY B 360 22.23 27.99 -24.26
N LEU B 361 21.32 28.20 -25.22
CA LEU B 361 20.04 28.81 -24.91
C LEU B 361 19.13 27.94 -24.05
N PRO B 362 19.02 26.62 -24.28
CA PRO B 362 18.33 25.79 -23.26
C PRO B 362 19.04 25.80 -21.92
N THR B 363 20.37 25.83 -21.93
CA THR B 363 21.14 25.86 -20.69
C THR B 363 20.90 27.15 -19.92
N TYR B 364 20.91 28.28 -20.62
CA TYR B 364 20.56 29.58 -20.03
C TYR B 364 19.12 29.63 -19.53
N VAL B 365 18.18 29.08 -20.29
CA VAL B 365 16.78 29.02 -19.84
C VAL B 365 16.65 28.17 -18.57
N ALA B 366 17.39 27.08 -18.48
CA ALA B 366 17.43 26.33 -17.22
C ALA B 366 18.11 27.14 -16.11
N GLU B 367 19.12 27.93 -16.45
CA GLU B 367 19.79 28.77 -15.46
C GLU B 367 18.87 29.81 -14.83
N ASN B 368 17.98 30.41 -15.63
CA ASN B 368 17.18 31.53 -15.12
C ASN B 368 15.68 31.38 -15.24
N GLY B 369 15.18 30.46 -16.05
CA GLY B 369 13.74 30.34 -16.24
C GLY B 369 13.09 31.47 -17.01
N PHE B 370 13.85 32.22 -17.80
CA PHE B 370 13.26 33.22 -18.68
C PHE B 370 12.68 32.57 -19.94
N ILE B 371 11.65 33.22 -20.48
CA ILE B 371 11.18 32.92 -21.84
C ILE B 371 12.03 33.70 -22.84
N CYS B 372 12.56 32.99 -23.84
CA CYS B 372 13.50 33.56 -24.80
C CYS B 372 12.92 33.52 -26.20
N ASN B 373 12.84 34.68 -26.83
CA ASN B 373 12.49 34.83 -28.25
C ASN B 373 13.72 35.37 -28.96
N MET B 374 14.21 34.61 -29.95
CA MET B 374 15.53 34.84 -30.54
C MET B 374 15.44 34.87 -32.06
N MET B 375 15.51 36.09 -32.62
CA MET B 375 15.44 36.32 -34.06
C MET B 375 16.83 36.29 -34.70
N ASN B 376 16.93 35.54 -35.80
CA ASN B 376 18.19 35.32 -36.53
C ASN B 376 19.25 34.70 -35.62
N ALA B 377 18.89 33.59 -35.00
CA ALA B 377 19.73 32.94 -33.98
C ALA B 377 21.21 32.75 -34.35
N PRO B 378 21.58 32.29 -35.56
CA PRO B 378 23.02 32.21 -35.87
C PRO B 378 23.72 33.56 -35.98
N ALA B 379 23.00 34.66 -36.10
CA ALA B 379 23.64 35.97 -36.16
C ALA B 379 24.02 36.51 -34.79
N ASP B 380 23.40 36.04 -33.72
CA ASP B 380 23.78 36.45 -32.38
C ASP B 380 25.04 35.71 -31.94
N GLU B 381 25.93 36.44 -31.28
CA GLU B 381 27.25 35.94 -30.89
C GLU B 381 27.24 35.19 -29.57
N TYR B 382 26.23 35.38 -28.73
CA TYR B 382 26.28 34.84 -27.38
C TYR B 382 26.11 33.31 -27.39
N PHE B 383 25.00 32.82 -27.93
CA PHE B 383 24.73 31.39 -27.87
C PHE B 383 25.34 30.58 -29.01
N THR B 384 25.94 31.24 -30.00
CA THR B 384 26.71 30.58 -31.08
C THR B 384 25.92 29.50 -31.81
N PHE B 385 24.73 29.86 -32.29
CA PHE B 385 23.94 28.94 -33.10
C PHE B 385 24.65 28.59 -34.41
N GLN B 386 24.25 27.45 -34.98
CA GLN B 386 24.76 26.94 -36.25
C GLN B 386 24.44 27.84 -37.43
N LYS B 387 25.47 28.46 -38.00
CA LYS B 387 25.28 29.34 -39.15
C LYS B 387 24.85 28.57 -40.39
N GLY B 388 25.49 27.43 -40.66
CA GLY B 388 25.14 26.63 -41.81
C GLY B 388 23.94 25.74 -41.59
N PRO B 389 23.75 24.76 -42.48
CA PRO B 389 22.79 23.69 -42.21
C PRO B 389 23.08 22.98 -40.90
N VAL B 390 22.01 22.66 -40.17
CA VAL B 390 22.15 21.99 -38.88
C VAL B 390 22.62 20.55 -39.07
N ASP B 391 22.13 19.90 -40.12
CA ASP B 391 22.33 18.47 -40.32
C ASP B 391 22.43 18.26 -41.83
N GLU B 392 22.47 16.99 -42.26
CA GLU B 392 22.59 16.67 -43.68
C GLU B 392 21.44 17.25 -44.50
N THR B 393 20.23 17.30 -43.92
CA THR B 393 19.15 18.03 -44.56
C THR B 393 19.39 19.54 -44.52
N GLY B 394 18.93 20.21 -45.57
CA GLY B 394 19.02 21.65 -45.69
C GLY B 394 18.08 22.43 -44.79
N TRP B 395 18.07 22.12 -43.49
CA TRP B 395 17.28 22.86 -42.52
C TRP B 395 18.16 23.73 -41.65
N VAL B 396 17.76 24.99 -41.49
CA VAL B 396 18.56 26.02 -40.83
C VAL B 396 17.69 26.74 -39.81
N ILE B 397 18.28 27.05 -38.65
CA ILE B 397 17.57 27.76 -37.59
C ILE B 397 17.44 29.23 -37.94
N LYS B 398 16.21 29.75 -37.87
CA LYS B 398 15.90 31.15 -38.14
C LYS B 398 15.31 31.88 -36.96
N ASN B 399 14.46 31.23 -36.17
CA ASN B 399 13.96 31.80 -34.92
C ASN B 399 13.94 30.71 -33.86
N VAL B 400 14.10 31.13 -32.60
CA VAL B 400 14.02 30.21 -31.46
C VAL B 400 13.05 30.78 -30.43
N LEU B 401 12.16 29.92 -29.92
CA LEU B 401 11.20 30.27 -28.87
C LEU B 401 11.34 29.26 -27.74
N SER B 402 12.23 29.56 -26.80
CA SER B 402 12.54 28.66 -25.68
C SER B 402 11.75 29.07 -24.44
N LEU B 403 11.05 28.11 -23.84
CA LEU B 403 10.26 28.37 -22.63
C LEU B 403 10.56 27.34 -21.55
N PRO B 404 10.61 27.74 -20.28
CA PRO B 404 10.72 26.76 -19.19
C PRO B 404 9.35 26.21 -18.78
N ILE B 405 9.32 24.90 -18.55
CA ILE B 405 8.23 24.29 -17.80
C ILE B 405 8.52 24.41 -16.31
N VAL B 406 7.53 24.88 -15.56
CA VAL B 406 7.69 25.17 -14.13
C VAL B 406 6.83 24.22 -13.31
N ASN B 407 7.46 23.49 -12.39
CA ASN B 407 6.75 22.78 -11.34
C ASN B 407 6.17 23.80 -10.35
N LYS B 408 5.12 23.38 -9.61
CA LYS B 408 4.49 24.27 -8.62
C LYS B 408 5.46 24.79 -7.55
N LYS B 409 6.57 24.09 -7.30
CA LYS B 409 7.57 24.58 -6.37
C LYS B 409 8.53 25.59 -7.01
N GLU B 410 8.23 26.01 -8.24
CA GLU B 410 8.99 26.94 -9.06
C GLU B 410 10.31 26.32 -9.54
N ASP B 411 10.49 25.02 -9.36
CA ASP B 411 11.60 24.32 -9.98
C ASP B 411 11.34 24.21 -11.47
N ILE B 412 12.41 24.24 -12.26
CA ILE B 412 12.22 24.07 -13.69
C ILE B 412 12.39 22.59 -14.02
N VAL B 413 11.50 22.09 -14.87
CA VAL B 413 11.44 20.67 -15.18
C VAL B 413 11.93 20.37 -16.59
N GLY B 414 11.73 21.27 -17.53
CA GLY B 414 12.21 21.06 -18.89
C GLY B 414 12.20 22.36 -19.67
N VAL B 415 12.79 22.29 -20.85
CA VAL B 415 12.91 23.41 -21.76
C VAL B 415 12.27 22.99 -23.08
N ALA B 416 11.18 23.63 -23.45
CA ALA B 416 10.48 23.37 -24.71
C ALA B 416 10.95 24.39 -25.75
N THR B 417 11.86 23.96 -26.63
CA THR B 417 12.51 24.84 -27.59
C THR B 417 11.76 24.74 -28.92
N PHE B 418 10.86 25.71 -29.16
CA PHE B 418 10.10 25.78 -30.41
C PHE B 418 10.92 26.56 -31.42
N TYR B 419 11.42 25.86 -32.44
CA TYR B 419 12.25 26.49 -33.47
C TYR B 419 11.43 27.23 -34.52
N ASN B 420 12.08 27.57 -35.65
CA ASN B 420 11.58 28.53 -36.62
C ASN B 420 10.11 28.31 -36.99
N ARG B 421 9.39 29.43 -37.05
CA ARG B 421 7.98 29.45 -37.42
C ARG B 421 7.78 28.98 -38.85
N LYS B 422 6.62 28.37 -39.11
CA LYS B 422 6.27 27.94 -40.46
C LYS B 422 6.23 29.12 -41.43
N ASP B 423 5.71 30.26 -40.99
CA ASP B 423 5.79 31.48 -41.76
C ASP B 423 7.12 32.19 -41.51
N GLY B 424 7.50 33.03 -42.47
CA GLY B 424 8.70 33.84 -42.35
C GLY B 424 8.65 34.90 -41.27
N LYS B 425 7.49 35.10 -40.65
CA LYS B 425 7.36 36.08 -39.59
C LYS B 425 8.07 35.58 -38.32
N PRO B 426 8.66 36.50 -37.55
CA PRO B 426 9.13 36.15 -36.20
C PRO B 426 7.98 35.71 -35.31
N PHE B 427 8.34 35.13 -34.17
CA PHE B 427 7.38 34.92 -33.10
C PHE B 427 6.90 36.26 -32.53
N ASP B 428 5.61 36.53 -32.69
CA ASP B 428 4.99 37.72 -32.14
C ASP B 428 4.40 37.41 -30.76
N GLU B 429 3.98 38.47 -30.06
CA GLU B 429 3.41 38.31 -28.72
C GLU B 429 2.14 37.47 -28.71
N HIS B 430 1.44 37.34 -29.84
CA HIS B 430 0.32 36.40 -29.91
C HIS B 430 0.79 34.96 -29.83
N ASP B 431 1.89 34.64 -30.53
CA ASP B 431 2.48 33.32 -30.40
C ASP B 431 3.19 33.13 -29.08
N GLU B 432 3.78 34.19 -28.53
CA GLU B 432 4.24 34.15 -27.15
C GLU B 432 3.12 33.76 -26.20
N TYR B 433 1.95 34.38 -26.35
CA TYR B 433 0.80 34.07 -25.50
C TYR B 433 0.31 32.64 -25.68
N ILE B 434 0.25 32.16 -26.93
CA ILE B 434 -0.13 30.77 -27.19
C ILE B 434 0.84 29.80 -26.53
N THR B 435 2.13 29.99 -26.77
CA THR B 435 3.13 29.07 -26.25
C THR B 435 3.23 29.13 -24.73
N GLU B 436 3.09 30.33 -24.15
CA GLU B 436 3.08 30.48 -22.70
C GLU B 436 1.86 29.82 -22.07
N THR B 437 0.72 29.88 -22.75
CA THR B 437 -0.45 29.12 -22.29
C THR B 437 -0.20 27.62 -22.35
N LEU B 438 0.36 27.14 -23.46
CA LEU B 438 0.71 25.73 -23.57
C LEU B 438 1.65 25.29 -22.45
N THR B 439 2.71 26.07 -22.21
CA THR B 439 3.67 25.73 -21.16
C THR B 439 3.08 25.79 -19.76
N GLN B 440 2.14 26.71 -19.50
CA GLN B 440 1.43 26.69 -18.21
C GLN B 440 0.55 25.46 -18.06
N PHE B 441 -0.17 25.06 -19.11
CA PHE B 441 -0.94 23.82 -19.04
C PHE B 441 -0.01 22.63 -18.80
N LEU B 442 1.10 22.56 -19.52
CA LEU B 442 2.05 21.47 -19.32
C LEU B 442 2.63 21.46 -17.90
N GLY B 443 2.88 22.64 -17.34
CA GLY B 443 3.31 22.74 -15.95
C GLY B 443 2.25 22.39 -14.93
N TRP B 444 0.97 22.44 -15.31
CA TRP B 444 -0.08 21.91 -14.44
C TRP B 444 -0.36 20.44 -14.65
N SER B 445 -0.19 19.93 -15.88
CA SER B 445 -0.18 18.50 -16.14
C SER B 445 1.00 17.81 -15.46
N LEU B 446 2.01 18.57 -15.06
CA LEU B 446 2.99 18.04 -14.13
C LEU B 446 2.36 17.53 -12.84
N LEU B 447 1.20 18.07 -12.44
CA LEU B 447 0.46 17.43 -11.34
C LEU B 447 0.09 16.00 -11.68
N ASN B 448 -0.45 15.76 -12.87
CA ASN B 448 -0.80 14.40 -13.26
C ASN B 448 0.42 13.49 -13.37
N THR B 449 1.55 14.04 -13.80
CA THR B 449 2.79 13.24 -13.82
C THR B 449 3.28 12.94 -12.41
N ASP B 450 3.25 13.93 -11.52
CA ASP B 450 3.63 13.72 -10.12
C ASP B 450 2.71 12.74 -9.44
N THR B 451 1.43 12.77 -9.78
CA THR B 451 0.46 11.84 -9.20
C THR B 451 0.65 10.44 -9.75
N TYR B 452 0.99 10.32 -11.04
CA TYR B 452 1.36 9.02 -11.59
C TYR B 452 2.58 8.43 -10.89
N ASP B 453 3.63 9.23 -10.71
CA ASP B 453 4.83 8.74 -10.04
C ASP B 453 4.56 8.39 -8.58
N LYS B 454 3.84 9.26 -7.86
CA LYS B 454 3.39 8.96 -6.50
C LYS B 454 2.53 7.71 -6.43
N MET B 455 1.62 7.54 -7.38
CA MET B 455 0.72 6.38 -7.38
C MET B 455 1.46 5.09 -7.67
N ASN B 456 2.42 5.10 -8.60
CA ASN B 456 3.26 3.93 -8.81
C ASN B 456 4.10 3.59 -7.58
N LYS B 457 4.66 4.61 -6.91
CA LYS B 457 5.34 4.34 -5.65
C LYS B 457 4.40 3.80 -4.58
N LEU B 458 3.18 4.34 -4.50
CA LEU B 458 2.18 3.83 -3.56
C LEU B 458 1.81 2.38 -3.87
N GLU B 459 1.60 2.06 -5.14
CA GLU B 459 1.28 0.71 -5.55
C GLU B 459 2.40 -0.27 -5.23
N ASN B 460 3.64 0.10 -5.57
CA ASN B 460 4.79 -0.72 -5.20
C ASN B 460 4.90 -0.91 -3.68
N ARG B 461 4.76 0.18 -2.91
CA ARG B 461 4.81 0.07 -1.46
C ARG B 461 3.69 -0.80 -0.90
N LYS B 462 2.49 -0.68 -1.46
CA LYS B 462 1.38 -1.53 -1.06
C LYS B 462 1.66 -3.00 -1.36
N ASP B 463 2.14 -3.30 -2.57
CA ASP B 463 2.41 -4.69 -2.92
C ASP B 463 3.55 -5.29 -2.12
N ILE B 464 4.59 -4.49 -1.84
CA ILE B 464 5.64 -4.93 -0.92
C ILE B 464 5.10 -5.17 0.49
N ALA B 465 4.29 -4.25 1.01
CA ALA B 465 3.74 -4.41 2.34
C ALA B 465 2.82 -5.63 2.43
N GLN B 466 2.02 -5.87 1.40
CA GLN B 466 1.19 -7.07 1.34
C GLN B 466 2.03 -8.35 1.25
N GLU B 467 3.11 -8.33 0.47
CA GLU B 467 3.94 -9.53 0.38
C GLU B 467 4.70 -9.81 1.68
N MET B 468 5.20 -8.75 2.34
CA MET B 468 5.81 -8.89 3.65
C MET B 468 4.80 -9.40 4.69
N LEU B 469 3.58 -8.87 4.65
CA LEU B 469 2.51 -9.37 5.50
C LEU B 469 2.20 -10.84 5.18
N MET B 470 2.19 -11.20 3.91
CA MET B 470 1.95 -12.58 3.51
C MET B 470 3.03 -13.52 4.05
N ASN B 471 4.28 -13.07 4.05
CA ASN B 471 5.34 -13.89 4.62
C ASN B 471 5.20 -14.01 6.13
N GLN B 472 4.91 -12.91 6.81
CA GLN B 472 4.68 -12.98 8.25
C GLN B 472 3.47 -13.83 8.61
N THR B 473 2.44 -13.85 7.76
CA THR B 473 1.18 -14.52 8.06
C THR B 473 1.17 -15.97 7.63
N LYS B 474 1.64 -16.27 6.41
CA LYS B 474 1.64 -17.64 5.91
C LYS B 474 2.37 -18.57 6.85
N ALA B 475 1.80 -19.77 7.05
CA ALA B 475 2.44 -20.79 7.86
C ALA B 475 3.79 -21.17 7.27
N THR B 476 4.83 -21.08 8.09
CA THR B 476 6.14 -21.59 7.72
C THR B 476 6.06 -23.10 7.52
N PRO B 477 7.03 -23.67 6.78
CA PRO B 477 7.02 -25.13 6.58
C PRO B 477 7.07 -25.93 7.87
N GLU B 478 7.73 -25.43 8.90
CA GLU B 478 7.70 -26.11 10.20
C GLU B 478 6.32 -26.03 10.86
N GLU B 479 5.63 -24.89 10.70
CA GLU B 479 4.26 -24.79 11.17
C GLU B 479 3.33 -25.78 10.47
N ILE B 480 3.52 -25.98 9.17
CA ILE B 480 2.75 -27.03 8.48
C ILE B 480 3.14 -28.41 8.98
N LYS B 481 4.44 -28.67 9.07
CA LYS B 481 4.93 -29.99 9.47
C LYS B 481 4.56 -30.33 10.91
N SER B 482 4.30 -29.33 11.75
CA SER B 482 3.77 -29.57 13.09
C SER B 482 2.39 -30.23 13.05
N ILE B 483 1.67 -30.15 11.94
CA ILE B 483 0.38 -30.84 11.79
C ILE B 483 0.50 -32.03 10.84
N LEU B 484 0.85 -31.78 9.58
CA LEU B 484 0.97 -32.82 8.58
C LEU B 484 2.34 -33.48 8.73
N LYS B 485 2.42 -34.40 9.70
CA LYS B 485 3.68 -35.03 10.10
C LYS B 485 4.13 -36.10 9.09
N PHE B 486 4.26 -35.68 7.83
CA PHE B 486 4.69 -36.63 6.79
C PHE B 486 6.13 -37.09 7.00
N GLN B 487 7.03 -36.20 7.45
CA GLN B 487 8.42 -36.59 7.67
C GLN B 487 8.56 -37.67 8.73
N GLU B 488 7.89 -37.52 9.86
CA GLU B 488 8.07 -38.40 11.00
C GLU B 488 7.31 -39.72 10.88
N LYS B 489 6.53 -39.91 9.83
CA LYS B 489 5.76 -41.14 9.69
C LYS B 489 5.96 -41.79 8.32
N LEU B 490 6.05 -41.00 7.25
CA LEU B 490 6.21 -41.54 5.91
C LEU B 490 7.68 -41.77 5.53
N ASN B 491 8.62 -41.25 6.34
CA ASN B 491 10.07 -41.37 6.09
C ASN B 491 10.46 -40.73 4.77
N VAL B 492 10.02 -39.48 4.59
CA VAL B 492 10.25 -38.72 3.36
C VAL B 492 10.97 -37.43 3.71
N ASP B 493 11.82 -36.99 2.79
CA ASP B 493 12.60 -35.76 2.95
C ASP B 493 11.69 -34.53 2.93
N VAL B 494 12.31 -33.35 2.85
CA VAL B 494 11.56 -32.08 2.88
C VAL B 494 10.70 -31.93 1.64
N ILE B 495 11.15 -32.44 0.49
CA ILE B 495 10.35 -32.37 -0.73
C ILE B 495 9.20 -33.36 -0.64
N ASP B 496 7.98 -32.86 -0.78
CA ASP B 496 6.78 -33.69 -0.79
C ASP B 496 6.61 -34.35 -2.16
N ASP B 497 7.08 -35.59 -2.27
CA ASP B 497 6.84 -36.41 -3.45
C ASP B 497 5.86 -37.53 -3.16
N CYS B 498 5.24 -37.53 -1.98
CA CYS B 498 4.28 -38.55 -1.59
C CYS B 498 3.03 -38.48 -2.46
N GLU B 499 2.32 -39.59 -2.52
CA GLU B 499 0.98 -39.59 -3.10
C GLU B 499 0.03 -38.78 -2.24
N GLU B 500 -0.80 -37.96 -2.89
CA GLU B 500 -1.79 -37.16 -2.19
C GLU B 500 -2.77 -38.02 -1.41
N LYS B 501 -3.09 -39.21 -1.91
CA LYS B 501 -3.90 -40.16 -1.15
C LYS B 501 -3.19 -40.61 0.12
N GLN B 502 -1.86 -40.76 0.06
CA GLN B 502 -1.13 -41.13 1.25
C GLN B 502 -1.06 -39.99 2.26
N LEU B 503 -0.98 -38.75 1.79
CA LEU B 503 -1.13 -37.60 2.69
C LEU B 503 -2.53 -37.51 3.30
N VAL B 504 -3.57 -37.87 2.55
CA VAL B 504 -4.90 -37.98 3.13
C VAL B 504 -4.94 -39.04 4.22
N ALA B 505 -4.37 -40.21 3.95
CA ALA B 505 -4.33 -41.28 4.94
C ALA B 505 -3.57 -40.87 6.19
N ILE B 506 -2.42 -40.23 6.03
CA ILE B 506 -1.61 -39.83 7.17
C ILE B 506 -2.23 -38.67 7.94
N LEU B 507 -3.04 -37.84 7.29
CA LEU B 507 -3.71 -36.78 8.04
C LEU B 507 -4.96 -37.28 8.75
N LYS B 508 -5.73 -38.16 8.12
CA LYS B 508 -6.96 -38.66 8.75
C LYS B 508 -6.70 -39.43 10.03
N GLU B 509 -5.46 -39.86 10.27
CA GLU B 509 -5.09 -40.42 11.56
C GLU B 509 -4.60 -39.38 12.55
N ASP B 510 -4.26 -38.17 12.09
CA ASP B 510 -3.72 -37.12 12.94
C ASP B 510 -4.77 -36.07 13.31
N LEU B 511 -6.02 -36.30 12.97
CA LEU B 511 -7.06 -35.35 13.31
C LEU B 511 -8.00 -35.91 14.36
N PRO B 512 -8.44 -35.11 15.33
CA PRO B 512 -9.32 -35.63 16.39
C PRO B 512 -10.59 -36.25 15.82
N ASP B 513 -11.09 -37.26 16.53
CA ASP B 513 -12.32 -37.93 16.13
C ASP B 513 -13.53 -37.02 16.32
N PRO B 514 -14.32 -36.78 15.27
CA PRO B 514 -15.40 -35.78 15.35
C PRO B 514 -16.52 -36.15 16.29
N ARG B 515 -16.68 -37.43 16.63
CA ARG B 515 -17.72 -37.82 17.58
C ARG B 515 -17.34 -37.43 19.00
N SER B 516 -16.06 -37.60 19.36
CA SER B 516 -15.56 -37.04 20.60
C SER B 516 -15.26 -35.56 20.42
N ALA B 517 -14.89 -34.92 21.54
CA ALA B 517 -14.73 -33.46 21.64
C ALA B 517 -15.95 -32.68 21.16
N GLU B 518 -17.12 -33.32 21.12
CA GLU B 518 -18.43 -32.76 20.74
C GLU B 518 -18.40 -31.82 19.54
N LEU B 519 -17.60 -32.14 18.52
CA LEU B 519 -17.57 -31.34 17.30
C LEU B 519 -18.89 -31.36 16.55
N TYR B 520 -19.78 -32.31 16.85
CA TYR B 520 -21.15 -32.33 16.32
C TYR B 520 -22.18 -31.67 17.21
N GLU B 521 -21.81 -31.08 18.33
CA GLU B 521 -22.80 -30.66 19.32
C GLU B 521 -22.76 -29.15 19.54
N PHE B 522 -23.94 -28.60 19.87
CA PHE B 522 -24.07 -27.18 20.15
C PHE B 522 -23.35 -26.79 21.44
N ARG B 523 -23.24 -27.72 22.38
CA ARG B 523 -22.60 -27.53 23.68
C ARG B 523 -21.08 -27.56 23.62
N PHE B 524 -20.49 -27.60 22.43
CA PHE B 524 -19.05 -27.54 22.26
C PHE B 524 -18.43 -26.37 23.03
N SER B 525 -17.31 -26.65 23.70
CA SER B 525 -16.54 -25.63 24.41
C SER B 525 -15.07 -25.73 23.97
N ASP B 526 -14.52 -24.62 23.47
CA ASP B 526 -13.15 -24.56 23.01
C ASP B 526 -12.14 -24.27 24.10
N PHE B 527 -12.59 -23.88 25.30
CA PHE B 527 -11.68 -23.57 26.40
C PHE B 527 -10.67 -24.66 26.76
N PRO B 528 -11.01 -25.95 26.81
CA PRO B 528 -9.97 -26.97 27.05
C PRO B 528 -9.06 -27.27 25.88
N LEU B 529 -9.22 -26.60 24.74
CA LEU B 529 -8.37 -26.84 23.57
C LEU B 529 -7.49 -25.62 23.28
N THR B 530 -6.21 -25.87 23.02
CA THR B 530 -5.32 -24.85 22.48
C THR B 530 -5.64 -24.56 21.02
N GLU B 531 -5.20 -23.38 20.57
CA GLU B 531 -5.40 -22.96 19.18
C GLU B 531 -4.85 -23.95 18.15
N HIS B 532 -3.76 -24.66 18.47
CA HIS B 532 -3.27 -25.69 17.58
C HIS B 532 -4.22 -26.88 17.50
N GLY B 533 -4.82 -27.23 18.63
CA GLY B 533 -5.87 -28.23 18.62
C GLY B 533 -7.11 -27.78 17.88
N LEU B 534 -7.42 -26.48 17.94
CA LEU B 534 -8.50 -25.95 17.12
C LEU B 534 -8.17 -26.00 15.63
N ILE B 535 -6.91 -25.82 15.25
CA ILE B 535 -6.53 -25.99 13.84
C ILE B 535 -6.73 -27.44 13.38
N LYS B 536 -6.27 -28.39 14.20
CA LYS B 536 -6.50 -29.80 13.90
C LYS B 536 -8.00 -30.13 13.81
N CYS B 537 -8.80 -29.59 14.73
CA CYS B 537 -10.25 -29.74 14.66
C CYS B 537 -10.83 -29.15 13.37
N GLY B 538 -10.39 -27.96 12.98
CA GLY B 538 -10.95 -27.33 11.78
C GLY B 538 -10.63 -28.08 10.51
N ILE B 539 -9.41 -28.62 10.40
CA ILE B 539 -9.08 -29.52 9.31
C ILE B 539 -9.97 -30.76 9.33
N ARG B 540 -10.17 -31.36 10.52
CA ARG B 540 -11.12 -32.46 10.64
C ARG B 540 -12.51 -32.09 10.16
N LEU B 541 -13.00 -30.91 10.54
CA LEU B 541 -14.33 -30.47 10.12
C LEU B 541 -14.43 -30.29 8.61
N PHE B 542 -13.34 -29.86 7.96
CA PHE B 542 -13.34 -29.83 6.50
C PHE B 542 -13.34 -31.23 5.89
N PHE B 543 -12.65 -32.17 6.53
CA PHE B 543 -12.78 -33.58 6.12
C PHE B 543 -14.22 -34.08 6.27
N GLU B 544 -14.88 -33.72 7.36
CA GLU B 544 -16.11 -34.41 7.77
C GLU B 544 -17.29 -34.12 6.85
N ILE B 545 -17.32 -32.96 6.20
CA ILE B 545 -18.32 -32.69 5.17
C ILE B 545 -18.03 -33.43 3.86
N ASN B 546 -16.96 -34.24 3.86
CA ASN B 546 -16.59 -35.12 2.73
C ASN B 546 -16.32 -34.34 1.44
N VAL B 547 -15.57 -33.24 1.55
CA VAL B 547 -15.32 -32.36 0.42
C VAL B 547 -13.86 -32.37 -0.01
N VAL B 548 -12.92 -32.60 0.92
CA VAL B 548 -11.50 -32.65 0.57
C VAL B 548 -11.21 -33.71 -0.48
N GLU B 549 -11.86 -34.87 -0.40
CA GLU B 549 -11.67 -35.92 -1.38
C GLU B 549 -12.55 -35.77 -2.62
N LYS B 550 -13.77 -35.26 -2.45
CA LYS B 550 -14.70 -35.21 -3.58
C LYS B 550 -14.25 -34.21 -4.64
N PHE B 551 -13.66 -33.09 -4.21
CA PHE B 551 -13.09 -32.11 -5.13
C PHE B 551 -11.59 -32.23 -5.27
N LYS B 552 -10.98 -33.22 -4.62
CA LYS B 552 -9.55 -33.54 -4.74
C LYS B 552 -8.66 -32.34 -4.40
N VAL B 553 -9.03 -31.58 -3.37
CA VAL B 553 -8.24 -30.43 -2.97
C VAL B 553 -7.03 -30.97 -2.18
N PRO B 554 -5.85 -30.41 -2.34
CA PRO B 554 -4.67 -30.94 -1.65
C PRO B 554 -4.74 -30.76 -0.14
N VAL B 555 -4.07 -31.68 0.56
CA VAL B 555 -4.08 -31.68 2.02
C VAL B 555 -3.13 -30.64 2.58
N GLU B 556 -1.97 -30.44 1.95
CA GLU B 556 -1.00 -29.49 2.46
C GLU B 556 -1.48 -28.07 2.30
N VAL B 557 -2.16 -27.79 1.18
CA VAL B 557 -2.81 -26.50 0.97
C VAL B 557 -3.86 -26.23 2.04
N LEU B 558 -4.71 -27.22 2.33
CA LEU B 558 -5.70 -27.05 3.39
C LEU B 558 -5.07 -26.78 4.76
N THR B 559 -3.99 -27.52 5.09
CA THR B 559 -3.34 -27.31 6.37
C THR B 559 -2.69 -25.93 6.47
N ARG B 560 -2.01 -25.52 5.41
CA ARG B 560 -1.41 -24.19 5.37
C ARG B 560 -2.47 -23.10 5.44
N TRP B 561 -3.60 -23.29 4.76
CA TRP B 561 -4.69 -22.31 4.83
C TRP B 561 -5.24 -22.18 6.25
N MET B 562 -5.50 -23.31 6.92
CA MET B 562 -5.97 -23.26 8.30
C MET B 562 -4.97 -22.55 9.22
N TYR B 563 -3.69 -22.89 9.13
CA TYR B 563 -2.70 -22.25 10.00
C TYR B 563 -2.54 -20.76 9.68
N THR B 564 -2.59 -20.39 8.40
CA THR B 564 -2.55 -18.98 8.01
C THR B 564 -3.76 -18.21 8.54
N VAL B 565 -4.93 -18.85 8.57
CA VAL B 565 -6.10 -18.24 9.20
C VAL B 565 -5.88 -18.05 10.71
N ARG B 566 -5.34 -19.07 11.38
CA ARG B 566 -5.00 -18.92 12.80
C ARG B 566 -4.07 -17.75 13.05
N LYS B 567 -3.03 -17.60 12.21
CA LYS B 567 -2.10 -16.50 12.40
C LYS B 567 -2.69 -15.15 12.01
N GLY B 568 -3.66 -15.14 11.11
CA GLY B 568 -4.33 -13.90 10.73
C GLY B 568 -5.17 -13.27 11.81
N TYR B 569 -5.71 -14.08 12.73
CA TYR B 569 -6.34 -13.52 13.93
C TYR B 569 -5.32 -12.93 14.89
N ARG B 570 -5.61 -11.72 15.35
CA ARG B 570 -4.84 -11.06 16.40
C ARG B 570 -5.10 -11.72 17.76
N ALA B 571 -4.35 -11.27 18.76
CA ALA B 571 -4.46 -11.72 20.14
C ALA B 571 -5.35 -10.81 20.98
N VAL B 572 -6.35 -10.18 20.36
CA VAL B 572 -7.31 -9.36 21.11
C VAL B 572 -8.19 -10.24 22.00
N THR B 573 -8.82 -9.59 22.98
CA THR B 573 -9.41 -10.27 24.13
C THR B 573 -10.54 -11.22 23.74
N TYR B 574 -11.34 -10.87 22.75
CA TYR B 574 -12.45 -11.77 22.42
C TYR B 574 -12.56 -12.12 20.95
N HIS B 575 -12.31 -11.17 20.05
CA HIS B 575 -12.39 -11.43 18.61
C HIS B 575 -11.12 -12.06 18.05
N ASN B 576 -10.47 -12.89 18.84
CA ASN B 576 -9.31 -13.67 18.41
C ASN B 576 -9.75 -14.96 17.73
N TRP B 577 -8.77 -15.81 17.40
CA TRP B 577 -9.01 -17.06 16.67
C TRP B 577 -10.03 -17.97 17.35
N ARG B 578 -10.12 -17.92 18.69
CA ARG B 578 -11.12 -18.72 19.38
C ARG B 578 -12.55 -18.40 18.92
N HIS B 579 -12.88 -17.12 18.77
CA HIS B 579 -14.18 -16.74 18.20
C HIS B 579 -14.38 -17.23 16.77
N GLY B 580 -13.35 -17.11 15.93
CA GLY B 580 -13.44 -17.65 14.58
C GLY B 580 -13.70 -19.14 14.53
N PHE B 581 -12.99 -19.91 15.34
CA PHE B 581 -13.22 -21.36 15.36
C PHE B 581 -14.56 -21.72 15.98
N ASN B 582 -14.99 -21.00 17.02
CA ASN B 582 -16.32 -21.29 17.57
C ASN B 582 -17.42 -21.04 16.57
N VAL B 583 -17.28 -19.99 15.75
CA VAL B 583 -18.24 -19.77 14.67
C VAL B 583 -18.17 -20.87 13.62
N GLY B 584 -16.97 -21.28 13.22
CA GLY B 584 -16.86 -22.38 12.26
C GLY B 584 -17.38 -23.72 12.76
N GLN B 585 -17.13 -24.04 14.03
CA GLN B 585 -17.71 -25.23 14.63
C GLN B 585 -19.22 -25.14 14.72
N THR B 586 -19.76 -23.97 15.07
CA THR B 586 -21.21 -23.83 15.11
C THR B 586 -21.81 -23.98 13.72
N MET B 587 -21.11 -23.53 12.68
CA MET B 587 -21.55 -23.75 11.32
C MET B 587 -21.57 -25.23 10.96
N PHE B 588 -20.50 -25.96 11.31
CA PHE B 588 -20.48 -27.39 11.07
C PHE B 588 -21.60 -28.12 11.81
N THR B 589 -21.85 -27.74 13.07
CA THR B 589 -22.94 -28.34 13.83
C THR B 589 -24.32 -28.01 13.25
N LEU B 590 -24.53 -26.79 12.77
CA LEU B 590 -25.77 -26.46 12.07
C LEU B 590 -25.95 -27.28 10.81
N LEU B 591 -24.87 -27.48 10.05
CA LEU B 591 -24.96 -28.31 8.84
C LEU B 591 -25.30 -29.76 9.19
N MET B 592 -24.54 -30.36 10.11
CA MET B 592 -24.65 -31.80 10.36
C MET B 592 -25.81 -32.13 11.31
N THR B 593 -25.76 -31.60 12.53
CA THR B 593 -26.79 -31.90 13.52
C THR B 593 -28.09 -31.14 13.24
N GLY B 594 -27.99 -29.87 12.85
CA GLY B 594 -29.19 -29.12 12.51
C GLY B 594 -29.88 -29.57 11.25
N ARG B 595 -29.29 -30.49 10.49
CA ARG B 595 -29.87 -31.07 9.27
C ARG B 595 -30.16 -30.02 8.19
N LEU B 596 -29.57 -28.83 8.30
CA LEU B 596 -29.65 -27.83 7.24
C LEU B 596 -28.92 -28.26 5.98
N LYS B 597 -28.00 -29.23 6.09
CA LYS B 597 -27.24 -29.72 4.94
C LYS B 597 -28.12 -30.19 3.79
N LYS B 598 -29.34 -30.63 4.09
CA LYS B 598 -30.27 -31.05 3.04
C LYS B 598 -30.73 -29.91 2.15
N TYR B 599 -30.44 -28.65 2.50
CA TYR B 599 -30.81 -27.51 1.66
C TYR B 599 -29.67 -27.06 0.74
N TYR B 600 -28.46 -27.53 0.98
CA TYR B 600 -27.27 -27.00 0.34
C TYR B 600 -26.46 -28.14 -0.25
N THR B 601 -25.74 -27.84 -1.33
CA THR B 601 -24.89 -28.86 -1.93
C THR B 601 -23.65 -29.12 -1.07
N ASP B 602 -22.81 -30.03 -1.58
CA ASP B 602 -21.45 -30.20 -1.08
C ASP B 602 -20.63 -28.92 -1.19
N LEU B 603 -20.59 -28.34 -2.39
CA LEU B 603 -19.83 -27.10 -2.60
C LEU B 603 -20.34 -25.94 -1.75
N GLU B 604 -21.66 -25.82 -1.60
CA GLU B 604 -22.20 -24.77 -0.74
C GLU B 604 -21.80 -24.94 0.72
N ALA B 605 -21.89 -26.18 1.24
CA ALA B 605 -21.41 -26.45 2.60
C ALA B 605 -19.92 -26.18 2.77
N PHE B 606 -19.12 -26.50 1.75
CA PHE B 606 -17.69 -26.24 1.80
C PHE B 606 -17.41 -24.73 1.87
N ALA B 607 -18.13 -23.98 1.04
CA ALA B 607 -18.02 -22.52 1.06
C ALA B 607 -18.46 -21.95 2.40
N MET B 608 -19.55 -22.47 2.97
CA MET B 608 -20.04 -21.99 4.26
C MET B 608 -19.03 -22.21 5.36
N LEU B 609 -18.43 -23.41 5.43
CA LEU B 609 -17.48 -23.68 6.50
C LEU B 609 -16.21 -22.85 6.37
N ALA B 610 -15.72 -22.67 5.14
CA ALA B 610 -14.54 -21.83 4.94
C ALA B 610 -14.82 -20.35 5.23
N ALA B 611 -16.00 -19.85 4.86
CA ALA B 611 -16.37 -18.48 5.23
C ALA B 611 -16.58 -18.32 6.73
N ALA B 612 -17.16 -19.33 7.38
CA ALA B 612 -17.40 -19.26 8.81
C ALA B 612 -16.11 -19.17 9.61
N PHE B 613 -15.07 -19.92 9.21
CA PHE B 613 -13.80 -19.81 9.92
C PHE B 613 -13.17 -18.41 9.83
N CYS B 614 -13.34 -17.70 8.72
CA CYS B 614 -12.66 -16.42 8.49
C CYS B 614 -13.50 -15.19 8.79
N HIS B 615 -14.64 -15.33 9.45
CA HIS B 615 -15.64 -14.25 9.49
C HIS B 615 -15.19 -13.03 10.29
N ASP B 616 -14.23 -13.15 11.21
CA ASP B 616 -13.68 -12.00 11.92
C ASP B 616 -12.15 -11.97 11.88
N ILE B 617 -11.56 -12.43 10.77
CA ILE B 617 -10.11 -12.47 10.64
C ILE B 617 -9.51 -11.06 10.69
N ASP B 618 -8.42 -10.94 11.46
CA ASP B 618 -7.75 -9.67 11.75
C ASP B 618 -8.69 -8.62 12.35
N HIS B 619 -9.42 -9.01 13.39
CA HIS B 619 -10.24 -8.06 14.12
C HIS B 619 -9.37 -7.28 15.10
N ARG B 620 -9.46 -5.95 15.05
CA ARG B 620 -8.67 -5.08 15.92
C ARG B 620 -9.22 -4.93 17.31
N GLY B 621 -10.36 -5.54 17.62
CA GLY B 621 -10.96 -5.46 18.94
C GLY B 621 -11.90 -4.30 19.19
N THR B 622 -12.22 -3.52 18.17
CA THR B 622 -13.06 -2.35 18.33
C THR B 622 -14.19 -2.45 17.31
N ASN B 623 -15.41 -2.13 17.76
CA ASN B 623 -16.56 -2.18 16.86
C ASN B 623 -16.45 -1.10 15.77
N ASN B 624 -17.40 -1.17 14.83
CA ASN B 624 -17.45 -0.21 13.74
C ASN B 624 -17.60 1.23 14.25
N LEU B 625 -18.24 1.41 15.41
CA LEU B 625 -18.38 2.73 16.01
C LEU B 625 -17.03 3.38 16.26
N TYR B 626 -16.06 2.63 16.78
CA TYR B 626 -14.73 3.21 17.01
C TYR B 626 -14.05 3.56 15.70
N GLN B 627 -14.25 2.74 14.67
CA GLN B 627 -13.68 3.07 13.37
C GLN B 627 -14.28 4.34 12.82
N MET B 628 -15.60 4.50 12.95
CA MET B 628 -16.27 5.72 12.55
C MET B 628 -15.78 6.95 13.33
N LYS B 629 -15.53 6.80 14.63
CA LYS B 629 -15.18 7.95 15.45
C LYS B 629 -13.69 8.31 15.36
N SER B 630 -12.81 7.32 15.34
CA SER B 630 -11.38 7.59 15.24
C SER B 630 -10.92 7.86 13.82
N THR B 631 -11.80 7.62 12.83
CA THR B 631 -11.55 7.78 11.38
C THR B 631 -10.37 6.91 10.92
N SER B 632 -10.34 5.67 11.41
CA SER B 632 -9.36 4.66 11.04
C SER B 632 -9.32 4.47 9.53
N PRO B 633 -8.15 4.12 8.96
CA PRO B 633 -8.09 3.78 7.53
C PRO B 633 -9.12 2.77 7.05
N LEU B 634 -9.53 1.84 7.92
CA LEU B 634 -10.63 0.94 7.58
C LEU B 634 -11.93 1.70 7.30
N ALA B 635 -12.27 2.66 8.15
CA ALA B 635 -13.51 3.42 7.94
C ALA B 635 -13.45 4.32 6.73
N ARG B 636 -12.26 4.79 6.32
CA ARG B 636 -12.15 5.50 5.06
C ARG B 636 -12.15 4.55 3.86
N LEU B 637 -11.73 3.30 4.05
CA LEU B 637 -11.70 2.35 2.95
C LEU B 637 -13.08 1.72 2.73
N HIS B 638 -13.68 1.18 3.78
CA HIS B 638 -14.97 0.53 3.72
C HIS B 638 -15.99 1.42 4.41
N GLY B 639 -17.06 1.77 3.70
CA GLY B 639 -18.01 2.73 4.21
C GLY B 639 -18.89 2.21 5.32
N SER B 640 -19.69 1.20 5.03
CA SER B 640 -20.56 0.56 6.00
C SER B 640 -20.17 -0.91 6.13
N SER B 641 -20.41 -1.47 7.32
CA SER B 641 -20.00 -2.83 7.68
C SER B 641 -18.48 -2.97 7.57
N ILE B 642 -17.78 -1.99 8.16
CA ILE B 642 -16.37 -1.73 7.88
C ILE B 642 -15.52 -2.98 8.12
N LEU B 643 -15.67 -3.55 9.31
CA LEU B 643 -14.85 -4.70 9.68
C LEU B 643 -15.23 -5.94 8.89
N GLU B 644 -16.53 -6.15 8.65
CA GLU B 644 -16.95 -7.34 7.91
C GLU B 644 -16.45 -7.33 6.47
N ARG B 645 -16.44 -6.15 5.84
CA ARG B 645 -15.80 -6.00 4.54
C ARG B 645 -14.30 -6.20 4.61
N HIS B 646 -13.65 -5.74 5.68
CA HIS B 646 -12.23 -6.01 5.85
C HIS B 646 -11.94 -7.51 5.97
N HIS B 647 -12.76 -8.23 6.76
CA HIS B 647 -12.55 -9.66 6.95
C HIS B 647 -12.79 -10.44 5.67
N LEU B 648 -13.80 -10.04 4.89
CA LEU B 648 -13.99 -10.61 3.55
C LEU B 648 -12.79 -10.35 2.64
N GLU B 649 -12.35 -9.10 2.56
CA GLU B 649 -11.24 -8.76 1.67
C GLU B 649 -9.96 -9.50 2.03
N TYR B 650 -9.68 -9.63 3.33
CA TYR B 650 -8.49 -10.34 3.76
C TYR B 650 -8.60 -11.86 3.53
N SER B 651 -9.76 -12.46 3.79
CA SER B 651 -9.88 -13.89 3.50
C SER B 651 -9.84 -14.21 2.01
N LYS B 652 -10.38 -13.33 1.16
CA LYS B 652 -10.20 -13.51 -0.28
C LYS B 652 -8.76 -13.28 -0.73
N THR B 653 -8.04 -12.37 -0.08
CA THR B 653 -6.61 -12.24 -0.35
C THR B 653 -5.85 -13.50 0.05
N LEU B 654 -6.22 -14.12 1.16
CA LEU B 654 -5.61 -15.40 1.55
C LEU B 654 -5.91 -16.49 0.54
N LEU B 655 -7.14 -16.57 0.04
CA LEU B 655 -7.47 -17.54 -1.00
C LEU B 655 -6.82 -17.21 -2.33
N GLN B 656 -6.38 -15.97 -2.54
CA GLN B 656 -5.80 -15.58 -3.83
C GLN B 656 -4.41 -16.18 -4.03
N ASP B 657 -3.68 -16.45 -2.95
CA ASP B 657 -2.40 -17.14 -3.06
C ASP B 657 -2.60 -18.62 -3.39
N GLU B 658 -1.93 -19.09 -4.44
CA GLU B 658 -2.12 -20.46 -4.91
C GLU B 658 -1.63 -21.51 -3.92
N SER B 659 -0.62 -21.19 -3.12
CA SER B 659 -0.20 -22.09 -2.05
C SER B 659 -1.23 -22.20 -0.92
N LEU B 660 -2.24 -21.33 -0.89
CA LEU B 660 -3.30 -21.41 0.10
C LEU B 660 -4.65 -21.77 -0.48
N ASN B 661 -4.80 -21.75 -1.81
CA ASN B 661 -6.11 -21.81 -2.46
C ASN B 661 -6.65 -23.23 -2.42
N ILE B 662 -7.53 -23.52 -1.46
CA ILE B 662 -8.25 -24.80 -1.43
C ILE B 662 -9.17 -24.98 -2.62
N PHE B 663 -9.54 -23.90 -3.33
CA PHE B 663 -10.43 -23.96 -4.49
C PHE B 663 -9.69 -23.98 -5.81
N GLN B 664 -8.40 -24.37 -5.80
CA GLN B 664 -7.59 -24.38 -7.02
C GLN B 664 -8.09 -25.41 -8.03
N ASN B 665 -8.53 -26.57 -7.56
CA ASN B 665 -8.88 -27.71 -8.39
C ASN B 665 -10.36 -27.74 -8.76
N LEU B 666 -11.03 -26.60 -8.71
CA LEU B 666 -12.44 -26.48 -9.08
C LEU B 666 -12.57 -25.55 -10.28
N ASN B 667 -13.61 -25.78 -11.08
CA ASN B 667 -13.84 -25.03 -12.30
C ASN B 667 -14.28 -23.60 -11.99
N LYS B 668 -14.11 -22.72 -12.97
CA LYS B 668 -14.41 -21.30 -12.81
C LYS B 668 -15.78 -21.07 -12.20
N ARG B 669 -16.87 -21.45 -12.89
CA ARG B 669 -18.21 -21.10 -12.41
C ARG B 669 -18.43 -21.55 -10.96
N GLN B 670 -17.75 -22.62 -10.56
CA GLN B 670 -17.74 -23.04 -9.17
C GLN B 670 -16.93 -22.08 -8.30
N PHE B 671 -15.83 -21.53 -8.83
CA PHE B 671 -15.09 -20.50 -8.11
C PHE B 671 -15.93 -19.24 -7.89
N GLU B 672 -16.69 -18.83 -8.89
CA GLU B 672 -17.61 -17.71 -8.68
C GLU B 672 -18.69 -18.04 -7.67
N THR B 673 -19.25 -19.25 -7.72
CA THR B 673 -20.24 -19.66 -6.72
C THR B 673 -19.66 -19.61 -5.30
N VAL B 674 -18.50 -20.22 -5.08
CA VAL B 674 -17.90 -20.23 -3.75
C VAL B 674 -17.52 -18.83 -3.29
N ILE B 675 -17.02 -17.98 -4.19
CA ILE B 675 -16.71 -16.60 -3.82
C ILE B 675 -17.99 -15.82 -3.46
N HIS B 676 -19.06 -16.01 -4.22
CA HIS B 676 -20.33 -15.36 -3.87
C HIS B 676 -20.85 -15.80 -2.51
N LEU B 677 -20.81 -17.11 -2.23
CA LEU B 677 -21.22 -17.59 -0.92
C LEU B 677 -20.29 -17.12 0.19
N PHE B 678 -18.99 -16.97 -0.10
CA PHE B 678 -18.05 -16.39 0.87
C PHE B 678 -18.42 -14.96 1.21
N GLU B 679 -18.70 -14.15 0.19
CA GLU B 679 -19.09 -12.76 0.42
C GLU B 679 -20.39 -12.67 1.20
N VAL B 680 -21.40 -13.43 0.79
CA VAL B 680 -22.68 -13.43 1.49
C VAL B 680 -22.50 -13.81 2.95
N ALA B 681 -21.77 -14.89 3.22
CA ALA B 681 -21.63 -15.37 4.58
C ALA B 681 -20.86 -14.38 5.45
N ILE B 682 -19.77 -13.80 4.94
CA ILE B 682 -19.00 -12.89 5.78
C ILE B 682 -19.74 -11.58 6.02
N ILE B 683 -20.33 -10.99 4.98
CA ILE B 683 -21.05 -9.73 5.14
C ILE B 683 -22.31 -9.90 6.00
N ALA B 684 -22.93 -11.07 5.99
CA ALA B 684 -24.05 -11.36 6.89
C ALA B 684 -23.69 -11.32 8.38
N THR B 685 -22.43 -11.22 8.76
CA THR B 685 -22.09 -11.10 10.17
C THR B 685 -22.24 -9.69 10.74
N ASP B 686 -22.54 -8.68 9.92
CA ASP B 686 -22.96 -7.39 10.46
C ASP B 686 -24.36 -7.54 11.04
N LEU B 687 -24.51 -7.14 12.31
CA LEU B 687 -25.81 -7.26 12.98
C LEU B 687 -26.89 -6.35 12.42
N ALA B 688 -26.53 -5.19 11.87
CA ALA B 688 -27.53 -4.33 11.24
C ALA B 688 -28.21 -5.00 10.05
N LEU B 689 -27.44 -5.75 9.26
CA LEU B 689 -28.00 -6.51 8.14
C LEU B 689 -28.98 -7.56 8.63
N TYR B 690 -28.58 -8.30 9.67
CA TYR B 690 -29.46 -9.28 10.29
C TYR B 690 -30.75 -8.63 10.79
N PHE B 691 -30.64 -7.52 11.51
CA PHE B 691 -31.83 -6.81 11.99
C PHE B 691 -32.76 -6.42 10.85
N LYS B 692 -32.20 -5.91 9.75
CA LYS B 692 -33.02 -5.61 8.58
C LYS B 692 -33.72 -6.85 8.02
N LYS B 693 -33.04 -7.99 7.98
CA LYS B 693 -33.58 -9.16 7.26
C LYS B 693 -34.32 -10.16 8.15
N ARG B 694 -34.45 -9.87 9.45
CA ARG B 694 -35.27 -10.69 10.34
C ARG B 694 -36.67 -10.94 9.78
N THR B 695 -37.32 -9.90 9.26
CA THR B 695 -38.68 -10.05 8.76
C THR B 695 -38.75 -11.01 7.57
N MET B 696 -37.80 -10.90 6.64
CA MET B 696 -37.77 -11.81 5.49
C MET B 696 -37.54 -13.25 5.92
N PHE B 697 -36.61 -13.47 6.86
CA PHE B 697 -36.40 -14.82 7.35
C PHE B 697 -37.63 -15.39 8.06
N GLN B 698 -38.29 -14.58 8.88
CA GLN B 698 -39.53 -15.02 9.53
C GLN B 698 -40.64 -15.34 8.52
N LYS B 699 -40.76 -14.54 7.46
CA LYS B 699 -41.71 -14.87 6.40
C LYS B 699 -41.39 -16.18 5.72
N ILE B 700 -40.11 -16.47 5.51
CA ILE B 700 -39.72 -17.78 4.97
C ILE B 700 -40.11 -18.91 5.92
N VAL B 701 -39.81 -18.75 7.21
CA VAL B 701 -40.10 -19.82 8.17
C VAL B 701 -41.61 -20.05 8.30
N ASP B 702 -42.38 -18.97 8.39
CA ASP B 702 -43.84 -19.08 8.42
C ASP B 702 -44.40 -19.76 7.18
N ALA B 703 -43.85 -19.44 6.00
CA ALA B 703 -44.28 -20.14 4.78
C ALA B 703 -43.90 -21.62 4.82
N CYS B 704 -42.70 -21.94 5.29
CA CYS B 704 -42.23 -23.31 5.32
C CYS B 704 -42.92 -24.17 6.37
N GLU B 705 -43.47 -23.58 7.43
CA GLU B 705 -44.16 -24.37 8.43
C GLU B 705 -45.49 -24.94 7.93
N GLN B 706 -46.02 -24.41 6.83
CA GLN B 706 -47.34 -24.81 6.33
C GLN B 706 -47.34 -26.13 5.56
N MET B 707 -46.18 -26.66 5.18
CA MET B 707 -46.12 -27.92 4.45
C MET B 707 -45.83 -29.09 5.38
N GLN B 708 -46.57 -30.19 5.17
CA GLN B 708 -46.55 -31.33 6.07
C GLN B 708 -45.41 -32.30 5.80
N THR B 709 -44.74 -32.20 4.65
CA THR B 709 -43.72 -33.17 4.25
C THR B 709 -42.40 -32.48 3.95
N GLU B 710 -41.30 -33.16 4.29
CA GLU B 710 -39.96 -32.60 4.12
C GLU B 710 -39.58 -32.43 2.65
N GLU B 711 -40.04 -33.33 1.78
CA GLU B 711 -39.65 -33.27 0.37
C GLU B 711 -40.18 -32.01 -0.30
N GLU B 712 -41.43 -31.65 0.00
CA GLU B 712 -41.99 -30.39 -0.50
C GLU B 712 -41.22 -29.18 0.02
N ALA B 713 -40.87 -29.19 1.31
CA ALA B 713 -40.08 -28.09 1.87
C ALA B 713 -38.72 -27.93 1.18
N ILE B 714 -38.03 -29.04 0.93
CA ILE B 714 -36.74 -28.96 0.24
C ILE B 714 -36.92 -28.50 -1.20
N LYS B 715 -37.93 -29.01 -1.91
CA LYS B 715 -38.18 -28.54 -3.28
C LYS B 715 -38.49 -27.04 -3.32
N TYR B 716 -39.34 -26.59 -2.40
CA TYR B 716 -39.73 -25.18 -2.34
C TYR B 716 -38.55 -24.28 -2.04
N VAL B 717 -37.71 -24.65 -1.07
CA VAL B 717 -36.60 -23.76 -0.73
C VAL B 717 -35.52 -23.83 -1.81
N THR B 718 -35.14 -25.04 -2.24
CA THR B 718 -33.98 -25.21 -3.08
C THR B 718 -34.21 -24.71 -4.50
N VAL B 719 -35.48 -24.54 -4.92
CA VAL B 719 -35.71 -23.95 -6.24
C VAL B 719 -35.19 -22.52 -6.31
N ASP B 720 -35.52 -21.70 -5.31
CA ASP B 720 -35.17 -20.28 -5.36
C ASP B 720 -33.85 -20.03 -4.66
N PRO B 721 -32.87 -19.41 -5.34
CA PRO B 721 -31.59 -19.07 -4.67
C PRO B 721 -31.72 -18.12 -3.47
N THR B 722 -32.61 -17.13 -3.56
CA THR B 722 -32.68 -16.08 -2.54
C THR B 722 -33.06 -16.64 -1.18
N LYS B 723 -34.03 -17.55 -1.13
CA LYS B 723 -34.41 -18.16 0.14
C LYS B 723 -33.22 -18.87 0.79
N LYS B 724 -32.42 -19.54 -0.02
CA LYS B 724 -31.18 -20.13 0.45
C LYS B 724 -30.20 -19.09 0.97
N GLU B 725 -30.09 -17.94 0.29
CA GLU B 725 -29.24 -16.87 0.82
C GLU B 725 -29.75 -16.28 2.13
N ILE B 726 -31.06 -16.21 2.34
CA ILE B 726 -31.57 -15.72 3.62
C ILE B 726 -31.28 -16.72 4.73
N ILE B 727 -31.47 -18.02 4.45
CA ILE B 727 -31.09 -19.02 5.44
C ILE B 727 -29.59 -18.95 5.73
N MET B 728 -28.79 -18.71 4.69
CA MET B 728 -27.35 -18.49 4.85
C MET B 728 -27.03 -17.35 5.80
N ALA B 729 -27.63 -16.17 5.56
CA ALA B 729 -27.35 -15.02 6.42
C ALA B 729 -27.78 -15.26 7.86
N MET B 730 -28.94 -15.85 8.08
CA MET B 730 -29.39 -16.10 9.44
C MET B 730 -28.61 -17.22 10.11
N MET B 731 -28.09 -18.19 9.35
CA MET B 731 -27.14 -19.15 9.91
C MET B 731 -25.85 -18.48 10.34
N MET B 732 -25.34 -17.54 9.53
CA MET B 732 -24.11 -16.84 9.92
C MET B 732 -24.31 -16.00 11.19
N THR B 733 -25.42 -15.27 11.27
CA THR B 733 -25.73 -14.53 12.49
C THR B 733 -25.95 -15.45 13.70
N ALA B 734 -26.68 -16.56 13.52
CA ALA B 734 -26.88 -17.51 14.61
C ALA B 734 -25.58 -18.16 15.07
N CYS B 735 -24.60 -18.28 14.18
CA CYS B 735 -23.31 -18.82 14.61
C CYS B 735 -22.45 -17.77 15.31
N ASP B 736 -22.39 -16.54 14.80
CA ASP B 736 -21.57 -15.52 15.46
C ASP B 736 -22.04 -15.23 16.89
N LEU B 737 -23.35 -15.24 17.13
CA LEU B 737 -23.90 -15.02 18.46
C LEU B 737 -24.05 -16.29 19.29
N SER B 738 -23.48 -17.41 18.84
CA SER B 738 -23.73 -18.72 19.42
C SER B 738 -23.38 -18.80 20.91
N ALA B 739 -22.47 -17.95 21.40
CA ALA B 739 -22.09 -17.96 22.80
C ALA B 739 -23.26 -17.72 23.75
N ILE B 740 -24.28 -16.97 23.32
CA ILE B 740 -25.48 -16.83 24.14
C ILE B 740 -26.17 -18.17 24.37
N THR B 741 -26.02 -19.11 23.44
CA THR B 741 -26.63 -20.42 23.56
C THR B 741 -25.78 -21.42 24.32
N LYS B 742 -24.50 -21.12 24.51
CA LYS B 742 -23.60 -22.05 25.19
C LYS B 742 -24.00 -22.19 26.65
N PRO B 743 -23.65 -23.32 27.29
CA PRO B 743 -23.96 -23.51 28.71
C PRO B 743 -23.38 -22.41 29.59
N TRP B 744 -24.01 -22.24 30.76
CA TRP B 744 -23.75 -21.09 31.63
C TRP B 744 -22.27 -20.94 31.98
N GLU B 745 -21.58 -22.05 32.24
CA GLU B 745 -20.16 -21.98 32.56
C GLU B 745 -19.36 -21.30 31.45
N VAL B 746 -19.62 -21.70 30.20
CA VAL B 746 -19.00 -21.04 29.05
C VAL B 746 -19.51 -19.60 28.89
N GLN B 747 -20.82 -19.40 28.98
CA GLN B 747 -21.42 -18.08 28.77
C GLN B 747 -20.91 -17.02 29.74
N SER B 748 -20.73 -17.37 31.01
CA SER B 748 -20.25 -16.38 31.98
C SER B 748 -18.86 -15.85 31.61
N GLN B 749 -17.95 -16.76 31.27
CA GLN B 749 -16.59 -16.36 30.91
C GLN B 749 -16.56 -15.62 29.58
N VAL B 750 -17.34 -16.06 28.59
CA VAL B 750 -17.39 -15.34 27.32
C VAL B 750 -18.01 -13.95 27.48
N ALA B 751 -19.05 -13.82 28.30
CA ALA B 751 -19.63 -12.52 28.58
C ALA B 751 -18.67 -11.60 29.31
N LEU B 752 -17.85 -12.15 30.22
CA LEU B 752 -16.79 -11.35 30.82
C LEU B 752 -15.75 -10.91 29.79
N MET B 753 -15.35 -11.79 28.88
CA MET B 753 -14.43 -11.42 27.81
C MET B 753 -14.99 -10.33 26.91
N VAL B 754 -16.26 -10.43 26.53
CA VAL B 754 -16.92 -9.39 25.74
C VAL B 754 -16.98 -8.08 26.51
N ALA B 755 -17.32 -8.14 27.80
CA ALA B 755 -17.35 -6.94 28.62
C ALA B 755 -15.97 -6.30 28.75
N ASN B 756 -14.92 -7.11 28.88
CA ASN B 756 -13.57 -6.58 28.93
C ASN B 756 -13.17 -5.90 27.62
N GLU B 757 -13.48 -6.51 26.48
CA GLU B 757 -13.20 -5.86 25.20
C GLU B 757 -13.98 -4.57 25.02
N PHE B 758 -15.22 -4.53 25.50
CA PHE B 758 -16.00 -3.30 25.45
C PHE B 758 -15.50 -2.23 26.43
N TRP B 759 -14.96 -2.64 27.56
CA TRP B 759 -14.36 -1.68 28.47
C TRP B 759 -13.05 -1.12 27.93
N GLU B 760 -12.24 -1.94 27.27
CA GLU B 760 -11.06 -1.41 26.58
C GLU B 760 -11.43 -0.47 25.45
N GLN B 761 -12.51 -0.80 24.71
CA GLN B 761 -13.07 0.13 23.74
C GLN B 761 -13.45 1.46 24.38
N GLY B 762 -14.11 1.41 25.55
CA GLY B 762 -14.54 2.67 26.15
C GLY B 762 -13.35 3.42 26.69
N ASP B 763 -12.32 2.70 27.14
CA ASP B 763 -11.15 3.36 27.67
C ASP B 763 -10.53 4.17 26.55
N LEU B 764 -10.42 3.56 25.37
CA LEU B 764 -9.76 4.25 24.27
C LEU B 764 -10.56 5.48 23.87
N GLU B 765 -11.90 5.34 23.80
CA GLU B 765 -12.71 6.49 23.38
C GLU B 765 -12.67 7.62 24.40
N ARG B 766 -12.49 7.31 25.67
CA ARG B 766 -12.35 8.35 26.67
C ARG B 766 -10.95 8.97 26.64
N THR B 767 -9.91 8.15 26.59
CA THR B 767 -8.54 8.65 26.69
C THR B 767 -8.15 9.47 25.46
N VAL B 768 -8.37 8.93 24.26
CA VAL B 768 -7.83 9.55 23.05
C VAL B 768 -8.86 10.36 22.27
N LEU B 769 -10.14 10.27 22.62
CA LEU B 769 -11.19 10.98 21.88
C LEU B 769 -11.97 11.96 22.74
N GLN B 770 -11.81 11.92 24.07
CA GLN B 770 -12.47 12.84 25.00
C GLN B 770 -13.99 12.77 24.92
N GLN B 771 -14.53 11.57 24.70
CA GLN B 771 -15.96 11.33 24.70
C GLN B 771 -16.33 10.49 25.91
N GLN B 772 -17.53 10.72 26.43
CA GLN B 772 -18.07 9.85 27.46
C GLN B 772 -18.50 8.51 26.84
N PRO B 773 -18.01 7.39 27.35
CA PRO B 773 -18.47 6.08 26.85
C PRO B 773 -19.92 5.80 27.15
N ILE B 774 -20.52 4.99 26.29
CA ILE B 774 -21.84 4.41 26.55
C ILE B 774 -21.73 3.47 27.75
N PRO B 775 -22.74 3.41 28.64
CA PRO B 775 -22.64 2.53 29.82
C PRO B 775 -22.29 1.08 29.54
N MET B 776 -22.64 0.56 28.36
CA MET B 776 -22.18 -0.76 27.98
C MET B 776 -20.66 -0.80 27.81
N MET B 777 -20.09 0.27 27.25
CA MET B 777 -18.66 0.42 27.08
C MET B 777 -17.99 1.23 28.19
N ASP B 778 -18.75 1.68 29.19
CA ASP B 778 -18.23 2.40 30.34
C ASP B 778 -17.78 1.40 31.40
N ARG B 779 -16.49 1.39 31.72
CA ARG B 779 -15.98 0.53 32.79
C ARG B 779 -16.59 0.89 34.14
N ASN B 780 -17.00 2.14 34.32
CA ASN B 780 -17.57 2.58 35.60
C ASN B 780 -18.89 1.90 35.89
N LYS B 781 -19.54 1.33 34.88
CA LYS B 781 -20.80 0.62 35.05
C LYS B 781 -20.61 -0.88 34.98
N ARG B 782 -19.44 -1.37 35.45
CA ARG B 782 -19.22 -2.81 35.52
C ARG B 782 -20.37 -3.54 36.21
N ASP B 783 -20.85 -2.98 37.32
CA ASP B 783 -21.93 -3.61 38.08
C ASP B 783 -23.24 -3.68 37.30
N GLU B 784 -23.40 -2.84 36.29
CA GLU B 784 -24.58 -2.88 35.43
C GLU B 784 -24.48 -3.94 34.33
N LEU B 785 -23.36 -4.64 34.22
CA LEU B 785 -23.19 -5.64 33.15
C LEU B 785 -24.26 -6.72 33.08
N PRO B 786 -24.70 -7.37 34.18
CA PRO B 786 -25.71 -8.44 34.00
C PRO B 786 -27.04 -7.96 33.44
N LYS B 787 -27.48 -6.76 33.81
CA LYS B 787 -28.75 -6.26 33.31
C LYS B 787 -28.71 -6.06 31.81
N LEU B 788 -27.60 -5.51 31.32
CA LEU B 788 -27.44 -5.34 29.88
C LEU B 788 -27.48 -6.67 29.16
N GLN B 789 -26.91 -7.72 29.77
CA GLN B 789 -26.98 -9.04 29.16
C GLN B 789 -28.42 -9.52 29.00
N VAL B 790 -29.26 -9.25 30.01
CA VAL B 790 -30.67 -9.61 29.87
C VAL B 790 -31.29 -8.91 28.68
N GLY B 791 -31.00 -7.61 28.52
CA GLY B 791 -31.50 -6.91 27.36
C GLY B 791 -30.96 -7.47 26.06
N PHE B 792 -29.68 -7.84 26.06
CA PHE B 792 -29.11 -8.45 24.86
C PHE B 792 -29.78 -9.77 24.53
N ILE B 793 -30.20 -10.51 25.55
CA ILE B 793 -30.99 -11.71 25.29
C ILE B 793 -32.40 -11.36 24.86
N ASP B 794 -33.02 -10.36 25.51
CA ASP B 794 -34.39 -10.00 25.20
C ASP B 794 -34.56 -9.31 23.85
N PHE B 795 -33.49 -8.76 23.28
CA PHE B 795 -33.62 -7.94 22.07
C PHE B 795 -33.09 -8.59 20.81
N VAL B 796 -31.95 -9.27 20.87
CA VAL B 796 -31.30 -9.78 19.66
C VAL B 796 -31.57 -11.26 19.45
N CYS B 797 -30.86 -12.11 20.20
CA CYS B 797 -30.68 -13.52 19.86
C CYS B 797 -31.97 -14.33 19.90
N THR B 798 -32.87 -14.00 20.83
CA THR B 798 -34.10 -14.78 21.02
C THR B 798 -34.91 -14.93 19.74
N PHE B 799 -34.93 -13.90 18.88
CA PHE B 799 -35.67 -14.00 17.63
C PHE B 799 -35.05 -15.05 16.73
N VAL B 800 -33.74 -14.99 16.55
CA VAL B 800 -33.04 -15.96 15.70
C VAL B 800 -33.33 -17.38 16.16
N TYR B 801 -33.14 -17.64 17.45
CA TYR B 801 -33.29 -19.02 17.90
C TYR B 801 -34.74 -19.46 18.03
N LYS B 802 -35.69 -18.54 18.18
CA LYS B 802 -37.11 -18.91 18.04
C LYS B 802 -37.42 -19.32 16.61
N GLU B 803 -37.00 -18.52 15.63
CA GLU B 803 -37.29 -18.85 14.24
C GLU B 803 -36.58 -20.13 13.81
N PHE B 804 -35.35 -20.35 14.24
CA PHE B 804 -34.67 -21.61 13.92
C PHE B 804 -35.23 -22.82 14.66
N SER B 805 -35.68 -22.67 15.92
CA SER B 805 -36.29 -23.81 16.61
C SER B 805 -37.64 -24.17 15.99
N ARG B 806 -38.40 -23.16 15.54
CA ARG B 806 -39.57 -23.44 14.71
C ARG B 806 -39.18 -24.13 13.41
N PHE B 807 -38.17 -23.59 12.73
CA PHE B 807 -37.78 -24.04 11.41
C PHE B 807 -37.22 -25.45 11.41
N HIS B 808 -36.38 -25.79 12.39
CA HIS B 808 -35.91 -27.16 12.55
C HIS B 808 -35.96 -27.54 14.01
N LYS B 809 -36.68 -28.64 14.30
CA LYS B 809 -36.74 -29.17 15.66
C LYS B 809 -35.36 -29.58 16.18
N GLU B 810 -34.43 -29.93 15.27
CA GLU B 810 -33.10 -30.33 15.69
C GLU B 810 -32.33 -29.20 16.36
N ILE B 811 -32.68 -27.94 16.09
CA ILE B 811 -31.99 -26.80 16.70
C ILE B 811 -32.72 -26.40 17.97
N THR B 812 -33.75 -27.17 18.34
CA THR B 812 -34.47 -26.93 19.60
C THR B 812 -33.59 -26.83 20.84
N PRO B 813 -32.55 -27.64 21.06
CA PRO B 813 -31.75 -27.46 22.28
C PRO B 813 -31.00 -26.14 22.33
N MET B 814 -30.66 -25.55 21.19
CA MET B 814 -29.84 -24.35 21.17
C MET B 814 -30.55 -23.17 21.80
N LEU B 815 -31.81 -22.93 21.40
CA LEU B 815 -32.63 -21.94 22.08
C LEU B 815 -32.79 -22.27 23.55
N SER B 816 -32.91 -23.55 23.89
CA SER B 816 -33.10 -23.92 25.28
C SER B 816 -31.93 -23.45 26.13
N GLY B 817 -30.71 -23.56 25.60
CA GLY B 817 -29.58 -23.06 26.34
C GLY B 817 -29.61 -21.55 26.52
N LEU B 818 -30.03 -20.83 25.47
CA LEU B 818 -30.23 -19.39 25.61
C LEU B 818 -31.18 -19.07 26.74
N GLN B 819 -32.28 -19.83 26.84
CA GLN B 819 -33.26 -19.52 27.87
C GLN B 819 -32.66 -19.74 29.25
N ASN B 820 -31.90 -20.82 29.41
CA ASN B 820 -31.22 -21.06 30.68
C ASN B 820 -30.32 -19.89 31.03
N ASN B 821 -29.52 -19.43 30.06
CA ASN B 821 -28.60 -18.34 30.34
C ASN B 821 -29.32 -17.07 30.76
N ARG B 822 -30.48 -16.80 30.14
CA ARG B 822 -31.25 -15.63 30.57
C ARG B 822 -31.65 -15.73 32.03
N VAL B 823 -32.11 -16.91 32.46
CA VAL B 823 -32.50 -17.09 33.85
C VAL B 823 -31.31 -16.85 34.77
N GLU B 824 -30.13 -17.29 34.37
CA GLU B 824 -28.95 -17.04 35.19
C GLU B 824 -28.64 -15.55 35.28
N TRP B 825 -28.69 -14.84 34.16
CA TRP B 825 -28.50 -13.39 34.22
C TRP B 825 -29.60 -12.71 35.03
N LYS B 826 -30.82 -13.26 35.04
CA LYS B 826 -31.83 -12.68 35.89
C LYS B 826 -31.47 -12.84 37.37
N SER B 827 -30.90 -13.99 37.73
CA SER B 827 -30.45 -14.18 39.10
C SER B 827 -29.31 -13.25 39.47
N LEU B 828 -28.58 -12.73 38.49
CA LEU B 828 -27.58 -11.72 38.77
C LEU B 828 -28.11 -10.30 38.68
N ALA B 829 -29.19 -10.05 37.95
CA ALA B 829 -29.64 -8.67 37.83
C ALA B 829 -30.42 -8.21 39.06
N ASP B 830 -31.35 -9.01 39.56
CA ASP B 830 -32.20 -8.55 40.65
C ASP B 830 -31.49 -8.58 42.00
N GLU B 831 -30.45 -9.41 42.13
CA GLU B 831 -29.55 -9.29 43.27
C GLU B 831 -28.90 -7.92 43.29
N TYR B 832 -28.57 -7.38 42.12
CA TYR B 832 -28.01 -6.04 42.09
C TYR B 832 -29.03 -5.01 42.54
N ASP B 833 -30.31 -5.21 42.18
CA ASP B 833 -31.35 -4.36 42.73
C ASP B 833 -31.57 -4.59 44.22
N ALA B 834 -31.17 -5.75 44.74
CA ALA B 834 -31.13 -5.92 46.19
C ALA B 834 -29.88 -5.30 46.81
N LYS B 835 -28.81 -5.10 46.04
CA LYS B 835 -27.64 -4.43 46.58
C LYS B 835 -27.79 -2.91 46.58
N MET B 836 -28.48 -2.35 45.60
CA MET B 836 -28.78 -0.92 45.59
C MET B 836 -29.75 -0.56 46.71
N PRO C 40 16.38 39.19 -29.13
CA PRO C 40 16.69 38.51 -27.88
C PRO C 40 16.02 39.16 -26.68
N LYS C 41 14.80 38.73 -26.37
CA LYS C 41 14.05 39.23 -25.23
C LYS C 41 13.93 38.15 -24.17
N PHE C 42 14.21 38.51 -22.93
CA PHE C 42 14.01 37.63 -21.77
C PHE C 42 12.96 38.25 -20.87
N LYS C 43 11.98 37.46 -20.46
CA LYS C 43 10.97 37.91 -19.51
C LYS C 43 10.93 36.99 -18.30
N GLN C 44 10.41 37.52 -17.20
CA GLN C 44 10.04 36.69 -16.06
C GLN C 44 8.92 35.73 -16.44
N ARG C 45 8.98 34.52 -15.90
CA ARG C 45 7.90 33.55 -16.09
C ARG C 45 6.60 34.08 -15.47
N GLN C 46 5.51 33.94 -16.21
CA GLN C 46 4.18 34.23 -15.66
C GLN C 46 3.77 33.14 -14.69
N THR C 47 3.17 33.54 -13.58
CA THR C 47 2.66 32.60 -12.59
C THR C 47 1.45 33.18 -11.85
N ALA C 84 -35.60 2.05 7.00
CA ALA C 84 -34.47 1.38 7.64
C ALA C 84 -34.92 0.67 8.92
N PHE C 85 -34.32 1.05 10.03
CA PHE C 85 -34.70 0.49 11.32
C PHE C 85 -36.06 1.01 11.76
N ASN C 86 -36.77 0.19 12.55
CA ASN C 86 -37.95 0.66 13.24
C ASN C 86 -37.56 1.68 14.32
N HIS C 87 -38.56 2.38 14.84
CA HIS C 87 -38.32 3.33 15.93
C HIS C 87 -37.76 2.63 17.17
N LEU C 88 -38.28 1.44 17.49
CA LEU C 88 -37.77 0.69 18.63
C LEU C 88 -36.35 0.22 18.38
N GLU C 89 -36.06 -0.26 17.16
CA GLU C 89 -34.68 -0.54 16.78
C GLU C 89 -33.83 0.73 16.79
N LEU C 90 -34.37 1.84 16.27
CA LEU C 90 -33.60 3.09 16.23
C LEU C 90 -33.22 3.58 17.62
N HIS C 91 -34.04 3.30 18.62
CA HIS C 91 -33.65 3.57 20.01
C HIS C 91 -32.68 2.54 20.57
N GLU C 92 -33.03 1.26 20.51
CA GLU C 92 -32.27 0.23 21.23
C GLU C 92 -30.90 -0.05 20.62
N LEU C 93 -30.76 0.03 19.29
CA LEU C 93 -29.48 -0.26 18.66
C LEU C 93 -28.37 0.70 19.05
N ALA C 94 -28.72 1.91 19.50
CA ALA C 94 -27.71 2.86 19.96
C ALA C 94 -27.03 2.38 21.25
N GLN C 95 -27.79 1.77 22.16
CA GLN C 95 -27.22 1.31 23.42
C GLN C 95 -26.24 0.15 23.22
N TYR C 96 -26.49 -0.70 22.23
CA TYR C 96 -25.60 -1.83 21.94
C TYR C 96 -24.54 -1.51 20.89
N GLY C 97 -24.51 -0.28 20.38
CA GLY C 97 -23.51 0.10 19.41
C GLY C 97 -23.60 -0.62 18.08
N ILE C 98 -24.82 -0.91 17.63
CA ILE C 98 -24.99 -1.66 16.38
C ILE C 98 -25.00 -0.72 15.17
N ILE C 99 -25.44 0.52 15.37
CA ILE C 99 -25.42 1.53 14.31
C ILE C 99 -24.00 1.81 13.83
N PRO D 40 -37.53 23.84 -28.66
CA PRO D 40 -36.86 22.74 -27.95
C PRO D 40 -36.14 21.79 -28.89
N LYS D 41 -34.82 21.66 -28.73
CA LYS D 41 -34.03 20.73 -29.51
C LYS D 41 -33.41 19.69 -28.59
N PHE D 42 -33.55 18.42 -28.96
CA PHE D 42 -32.98 17.30 -28.23
C PHE D 42 -31.99 16.59 -29.14
N LYS D 43 -30.76 16.40 -28.68
CA LYS D 43 -29.72 15.81 -29.51
C LYS D 43 -28.97 14.72 -28.76
N GLN D 44 -28.57 13.70 -29.51
CA GLN D 44 -27.65 12.69 -29.01
C GLN D 44 -26.30 13.28 -28.65
N ARG D 45 -25.70 12.77 -27.58
CA ARG D 45 -24.41 13.26 -27.12
C ARG D 45 -23.33 13.00 -28.17
N GLN D 46 -22.61 14.06 -28.53
CA GLN D 46 -21.35 13.91 -29.27
C GLN D 46 -20.27 13.31 -28.37
N THR D 47 -19.73 12.17 -28.78
CA THR D 47 -18.59 11.56 -28.10
C THR D 47 -17.50 11.06 -29.05
N ARG D 48 -17.83 10.69 -30.29
CA ARG D 48 -16.82 10.37 -31.29
C ARG D 48 -16.02 11.61 -31.69
N ALA D 84 33.86 5.70 -12.47
CA ALA D 84 33.02 4.55 -12.78
C ALA D 84 33.75 3.24 -12.49
N PHE D 85 33.96 2.44 -13.53
CA PHE D 85 34.60 1.14 -13.42
C PHE D 85 35.71 1.03 -14.45
N ASN D 86 36.71 0.21 -14.15
CA ASN D 86 37.78 -0.06 -15.09
C ASN D 86 37.34 -1.10 -16.12
N HIS D 87 38.03 -1.09 -17.27
CA HIS D 87 37.75 -2.05 -18.33
C HIS D 87 37.99 -3.49 -17.86
N LEU D 88 39.05 -3.71 -17.08
CA LEU D 88 39.31 -5.03 -16.53
C LEU D 88 38.35 -5.37 -15.40
N GLU D 89 38.02 -4.38 -14.56
CA GLU D 89 37.09 -4.62 -13.46
C GLU D 89 35.70 -5.03 -13.93
N LEU D 90 35.30 -4.63 -15.13
CA LEU D 90 33.95 -4.96 -15.62
C LEU D 90 33.70 -6.46 -15.69
N HIS D 91 34.68 -7.23 -16.16
CA HIS D 91 34.51 -8.68 -16.26
C HIS D 91 34.33 -9.33 -14.89
N GLU D 92 35.18 -8.96 -13.93
CA GLU D 92 35.05 -9.52 -12.59
C GLU D 92 33.77 -9.06 -11.90
N LEU D 93 33.38 -7.80 -12.06
CA LEU D 93 32.14 -7.30 -11.48
C LEU D 93 30.92 -8.02 -12.05
N ALA D 94 30.90 -8.27 -13.36
CA ALA D 94 29.81 -9.08 -13.92
C ALA D 94 29.87 -10.53 -13.43
N GLN D 95 31.08 -11.08 -13.25
CA GLN D 95 31.19 -12.47 -12.82
C GLN D 95 30.65 -12.71 -11.41
N TYR D 96 30.76 -11.73 -10.52
CA TYR D 96 30.27 -11.86 -9.16
C TYR D 96 28.91 -11.19 -8.95
N GLY D 97 28.24 -10.78 -10.03
CA GLY D 97 26.92 -10.23 -9.92
C GLY D 97 26.83 -8.86 -9.29
N ILE D 98 27.93 -8.10 -9.28
CA ILE D 98 27.90 -6.77 -8.69
C ILE D 98 27.13 -5.82 -9.60
N ILE D 99 27.26 -5.99 -10.91
CA ILE D 99 26.54 -5.19 -11.90
C ILE D 99 25.99 -6.10 -12.99
ZN ZN E . 24.95 -7.92 4.75
MG MG F . 23.29 -7.16 2.21
ZN ZN G . -18.11 -12.90 14.79
MG MG H . -17.55 -9.43 13.56
#